data_9R8C
#
_entry.id   9R8C
#
_cell.length_a   62.605
_cell.length_b   135.302
_cell.length_c   136.700
_cell.angle_alpha   90.000
_cell.angle_beta   90.000
_cell.angle_gamma   90.000
#
_symmetry.space_group_name_H-M   'P 21 21 21'
#
loop_
_entity.id
_entity.type
_entity.pdbx_description
1 polymer 'Serine/threonine-protein kinase PLK1'
2 polymer 'DESIGNED ANKYRIN REPEAT PROTEIN 3H10'
3 non-polymer 4-{[(7R)-8-cyclopentyl-7-ethyl-5-methyl-6-oxo-5,6,7,8-tetrahydropteridin-2-yl]amino}-3-methoxy-N-(1-methylpiperidin-4-yl)benzamide
4 non-polymer GLYCEROL
5 water water
#
loop_
_entity_poly.entity_id
_entity_poly.type
_entity_poly.pdbx_seq_one_letter_code
_entity_poly.pdbx_strand_id
1 'polypeptide(L)'
;GSAAPPAKEIPEVLVDPRSRRRYVRGRFLGKGGFAKCFEISDADTKEVFAGKIVPKSLLLKPHQREKMSMEISIHRSLAH
QHVVGFHGFFEDNDFVFVVLELCRRRSLLELHKRRKALTEPEARYYLRQIVLGCQYLHRNRVIHRDLKLGNLFLNEDLEV
KIGDFGLATKVEYDGERKKTLCGTPNYIAPEVLSKKGHSFEVDVWSIGCIMYTLLVGKPPFETSCLKETYLRIKKNEYSI
PKHINPVAASLIQKMLQTDPTARPTINELLNDEFFTSGYIPARLPITCLTIPPRFSIAPSSLDPSNRKPLTVLNK
;
A,B
2 'polypeptide(L)'
;MRGSHHHHHHGSDLGKKLLEAARAGQDDEVRILIANGADVNAVDNTGLTPLHLAAVSGHLEIVEVLLKHGADVDAADVYG
FTPLHLAAMTGHLEIVEVLLKYGADVNAFDMTGSTPLHLAADEGHLEIVEVLLKYGADVNAQDKFGKTAFDISIDNGNED
LAKSCRN
;
C,D
#
loop_
_chem_comp.id
_chem_comp.type
_chem_comp.name
_chem_comp.formula
GOL non-polymer GLYCEROL 'C3 H8 O3'
R78 non-polymer 4-{[(7R)-8-cyclopentyl-7-ethyl-5-methyl-6-oxo-5,6,7,8-tetrahydropteridin-2-yl]amino}-3-methoxy-N-(1-methylpiperidin-4-yl)benzamide 'C28 H39 N7 O3'
#
# COMPACT_ATOMS: atom_id res chain seq x y z
N LYS A 8 -24.51 28.00 26.83
CA LYS A 8 -23.17 27.94 27.47
C LYS A 8 -22.72 26.49 27.62
N GLU A 9 -23.67 25.59 27.92
CA GLU A 9 -23.38 24.18 28.17
C GLU A 9 -23.71 23.38 26.91
N ILE A 10 -22.76 22.56 26.45
CA ILE A 10 -22.95 21.74 25.25
C ILE A 10 -23.84 20.56 25.59
N PRO A 11 -24.89 20.25 24.79
CA PRO A 11 -25.74 19.09 25.06
C PRO A 11 -24.95 17.77 25.09
N GLU A 12 -25.39 16.86 25.98
CA GLU A 12 -24.78 15.55 26.10
C GLU A 12 -25.18 14.69 24.90
N VAL A 13 -26.35 14.96 24.33
CA VAL A 13 -26.80 14.28 23.13
C VAL A 13 -27.08 15.32 22.05
N LEU A 14 -26.51 15.13 20.86
CA LEU A 14 -26.70 16.01 19.73
C LEU A 14 -27.79 15.41 18.86
N VAL A 15 -28.84 16.19 18.59
CA VAL A 15 -29.94 15.72 17.77
C VAL A 15 -30.02 16.56 16.50
N ASP A 16 -29.84 15.91 15.35
CA ASP A 16 -30.08 16.51 14.04
C ASP A 16 -31.58 16.54 13.77
N PRO A 17 -32.21 17.75 13.70
CA PRO A 17 -33.64 17.86 13.39
C PRO A 17 -34.02 17.21 12.06
N ARG A 18 -33.12 17.32 11.07
CA ARG A 18 -33.43 16.89 9.71
C ARG A 18 -33.41 15.36 9.63
N SER A 19 -32.23 14.76 9.83
CA SER A 19 -32.02 13.36 9.48
C SER A 19 -32.49 12.41 10.60
N ARG A 20 -32.76 12.96 11.79
CA ARG A 20 -33.27 12.22 12.93
C ARG A 20 -32.14 11.54 13.70
N ARG A 21 -30.91 11.63 13.17
CA ARG A 21 -29.77 10.95 13.76
CA ARG A 21 -29.77 10.95 13.76
C ARG A 21 -29.42 11.65 15.08
N ARG A 22 -29.03 10.86 16.09
CA ARG A 22 -28.77 11.37 17.41
C ARG A 22 -27.40 10.87 17.86
N TYR A 23 -26.58 11.76 18.43
CA TYR A 23 -25.17 11.48 18.65
C TYR A 23 -24.82 11.72 20.12
N VAL A 24 -24.28 10.71 20.77
CA VAL A 24 -23.85 10.85 22.16
C VAL A 24 -22.46 11.49 22.17
N ARG A 25 -22.34 12.59 22.93
CA ARG A 25 -21.08 13.32 23.02
C ARG A 25 -20.11 12.53 23.90
N GLY A 26 -18.95 12.18 23.33
CA GLY A 26 -17.95 11.41 24.06
C GLY A 26 -16.75 12.28 24.41
N ARG A 27 -15.55 11.71 24.24
CA ARG A 27 -14.32 12.26 24.77
C ARG A 27 -13.93 13.53 24.01
N PHE A 28 -13.36 14.49 24.75
CA PHE A 28 -12.91 15.75 24.23
C PHE A 28 -11.64 15.54 23.41
N LEU A 29 -11.61 16.09 22.19
CA LEU A 29 -10.48 15.90 21.30
C LEU A 29 -9.57 17.12 21.28
N GLY A 30 -10.08 18.27 21.75
CA GLY A 30 -9.32 19.51 21.68
C GLY A 30 -10.10 20.62 21.00
N LYS A 31 -9.58 21.84 21.11
CA LYS A 31 -10.09 22.97 20.37
C LYS A 31 -9.66 22.83 18.91
N GLY A 32 -10.53 23.23 17.98
CA GLY A 32 -10.18 23.45 16.59
C GLY A 32 -10.59 24.86 16.17
N GLY A 33 -9.68 25.82 16.37
CA GLY A 33 -10.03 27.23 16.38
C GLY A 33 -11.04 27.57 17.48
N PHE A 34 -12.19 28.09 17.06
CA PHE A 34 -13.29 28.51 17.93
C PHE A 34 -14.14 27.33 18.39
N ALA A 35 -13.90 26.14 17.82
CA ALA A 35 -14.75 24.98 18.06
C ALA A 35 -14.16 24.12 19.17
N LYS A 36 -15.05 23.49 19.93
CA LYS A 36 -14.64 22.37 20.77
C LYS A 36 -14.96 21.08 20.01
N CYS A 37 -14.02 20.15 19.97
CA CYS A 37 -14.21 18.92 19.20
C CYS A 37 -14.31 17.69 20.12
N PHE A 38 -15.20 16.77 19.76
CA PHE A 38 -15.46 15.57 20.53
C PHE A 38 -15.64 14.36 19.63
N GLU A 39 -15.25 13.18 20.13
CA GLU A 39 -15.75 11.93 19.60
C GLU A 39 -17.24 11.89 19.87
N ILE A 40 -18.03 11.66 18.82
CA ILE A 40 -19.46 11.48 18.99
C ILE A 40 -19.85 10.16 18.32
N SER A 41 -20.84 9.48 18.92
CA SER A 41 -21.28 8.18 18.41
C SER A 41 -22.78 8.22 18.16
N ASP A 42 -23.17 7.76 16.96
CA ASP A 42 -24.56 7.55 16.59
C ASP A 42 -25.18 6.55 17.57
N ALA A 43 -26.34 6.90 18.12
CA ALA A 43 -27.00 6.06 19.12
C ALA A 43 -27.47 4.75 18.52
N ASP A 44 -27.86 4.76 17.23
CA ASP A 44 -28.37 3.59 16.55
C ASP A 44 -27.23 2.76 15.97
N THR A 45 -26.50 3.31 14.98
CA THR A 45 -25.55 2.55 14.19
C THR A 45 -24.25 2.33 14.97
N LYS A 46 -23.99 3.19 15.96
CA LYS A 46 -22.82 3.07 16.84
C LYS A 46 -21.54 3.54 16.13
N GLU A 47 -21.65 4.09 14.91
CA GLU A 47 -20.50 4.68 14.24
C GLU A 47 -20.01 5.88 15.05
N VAL A 48 -18.69 6.07 15.03
CA VAL A 48 -18.07 7.15 15.77
C VAL A 48 -17.55 8.17 14.77
N PHE A 49 -17.76 9.45 15.11
CA PHE A 49 -17.33 10.56 14.30
C PHE A 49 -16.60 11.59 15.14
N ALA A 50 -15.95 12.52 14.45
CA ALA A 50 -15.43 13.73 15.06
C ALA A 50 -16.50 14.82 14.96
N GLY A 51 -16.91 15.35 16.12
CA GLY A 51 -17.87 16.44 16.16
C GLY A 51 -17.17 17.76 16.44
N LYS A 52 -17.38 18.74 15.56
CA LYS A 52 -16.92 20.10 15.75
C LYS A 52 -18.09 20.93 16.25
N ILE A 53 -17.96 21.50 17.46
CA ILE A 53 -19.08 22.21 18.07
C ILE A 53 -18.67 23.66 18.24
N VAL A 54 -19.35 24.54 17.50
CA VAL A 54 -19.02 25.95 17.50
C VAL A 54 -20.16 26.71 18.19
N PRO A 55 -19.87 27.44 19.28
CA PRO A 55 -20.89 28.26 19.94
C PRO A 55 -21.29 29.42 19.04
N LYS A 56 -22.61 29.63 18.90
CA LYS A 56 -23.13 30.72 18.09
C LYS A 56 -22.71 32.06 18.68
N SER A 57 -22.39 32.08 19.99
CA SER A 57 -21.88 33.27 20.65
C SER A 57 -20.55 33.72 20.04
N LEU A 58 -19.77 32.78 19.50
CA LEU A 58 -18.47 33.12 18.93
C LEU A 58 -18.57 33.36 17.43
N LEU A 59 -19.80 33.37 16.90
CA LEU A 59 -20.00 33.59 15.47
C LEU A 59 -20.52 35.00 15.23
N LEU A 60 -19.79 35.97 15.81
CA LEU A 60 -19.80 37.35 15.33
C LEU A 60 -19.89 37.34 13.81
N LYS A 61 -20.75 38.20 13.24
CA LYS A 61 -21.13 38.13 11.84
C LYS A 61 -19.94 38.25 10.89
N PRO A 62 -18.87 39.01 11.23
CA PRO A 62 -17.65 39.08 10.40
C PRO A 62 -17.00 37.76 9.98
N HIS A 63 -15.66 37.73 10.12
CA HIS A 63 -14.78 36.77 9.47
C HIS A 63 -14.94 35.36 10.03
N GLN A 64 -15.54 35.24 11.23
CA GLN A 64 -15.68 33.94 11.89
C GLN A 64 -16.98 33.26 11.46
N ARG A 65 -18.06 34.05 11.27
CA ARG A 65 -19.36 33.52 10.90
C ARG A 65 -19.42 33.02 9.45
N GLU A 66 -19.32 33.92 8.47
CA GLU A 66 -19.48 33.51 7.08
C GLU A 66 -18.37 32.54 6.71
N LYS A 67 -17.24 32.63 7.42
CA LYS A 67 -16.21 31.61 7.35
C LYS A 67 -16.76 30.22 7.70
N MET A 68 -17.57 30.14 8.77
CA MET A 68 -18.25 28.91 9.22
C MET A 68 -19.12 28.36 8.09
N SER A 69 -19.90 29.25 7.45
CA SER A 69 -20.79 28.86 6.36
C SER A 69 -20.01 28.39 5.14
N MET A 70 -18.84 29.00 4.92
CA MET A 70 -18.03 28.70 3.75
C MET A 70 -17.38 27.33 3.91
N GLU A 71 -16.83 27.07 5.10
CA GLU A 71 -16.24 25.78 5.39
C GLU A 71 -17.27 24.69 5.12
N ILE A 72 -18.51 24.92 5.57
CA ILE A 72 -19.55 23.91 5.50
C ILE A 72 -19.98 23.71 4.04
N SER A 73 -20.19 24.84 3.34
CA SER A 73 -20.61 24.85 1.95
C SER A 73 -19.60 24.08 1.09
N ILE A 74 -18.30 24.33 1.31
CA ILE A 74 -17.26 23.72 0.50
C ILE A 74 -17.08 22.26 0.88
N HIS A 75 -16.92 21.99 2.17
CA HIS A 75 -16.56 20.65 2.61
C HIS A 75 -17.66 19.66 2.22
N ARG A 76 -18.93 20.01 2.46
CA ARG A 76 -20.05 19.10 2.24
C ARG A 76 -20.20 18.69 0.77
N SER A 77 -19.62 19.48 -0.14
CA SER A 77 -19.71 19.21 -1.56
C SER A 77 -18.60 18.28 -2.01
N LEU A 78 -17.74 17.85 -1.08
CA LEU A 78 -16.53 17.11 -1.41
C LEU A 78 -16.66 15.66 -0.98
N ALA A 79 -16.05 14.77 -1.76
CA ALA A 79 -15.98 13.35 -1.46
C ALA A 79 -14.85 12.72 -2.26
N HIS A 80 -13.79 12.35 -1.55
CA HIS A 80 -12.62 11.75 -2.15
C HIS A 80 -11.84 10.95 -1.11
N GLN A 81 -11.11 9.96 -1.59
CA GLN A 81 -10.31 9.06 -0.78
C GLN A 81 -9.37 9.84 0.15
N HIS A 82 -8.90 11.02 -0.27
CA HIS A 82 -7.91 11.77 0.47
C HIS A 82 -8.47 13.10 0.97
N VAL A 83 -9.78 13.14 1.21
CA VAL A 83 -10.44 14.28 1.83
C VAL A 83 -11.26 13.77 3.01
N VAL A 84 -11.13 14.44 4.15
CA VAL A 84 -11.90 14.11 5.33
C VAL A 84 -13.36 13.96 4.92
N GLY A 85 -13.97 12.85 5.34
CA GLY A 85 -15.38 12.62 5.11
C GLY A 85 -16.23 13.65 5.85
N PHE A 86 -17.21 14.20 5.12
CA PHE A 86 -18.19 15.11 5.67
C PHE A 86 -19.50 14.37 5.87
N HIS A 87 -20.00 14.33 7.11
CA HIS A 87 -21.11 13.44 7.45
C HIS A 87 -22.36 14.23 7.84
N GLY A 88 -22.24 15.56 7.97
CA GLY A 88 -23.42 16.41 8.06
C GLY A 88 -23.18 17.59 9.01
N PHE A 89 -24.17 18.47 9.07
CA PHE A 89 -24.13 19.60 9.97
C PHE A 89 -25.56 19.94 10.36
N PHE A 90 -25.70 20.55 11.54
CA PHE A 90 -27.01 20.98 12.03
C PHE A 90 -26.73 21.99 13.14
N GLU A 91 -27.80 22.58 13.68
CA GLU A 91 -27.66 23.59 14.72
C GLU A 91 -28.81 23.51 15.72
N ASP A 92 -28.55 24.00 16.93
CA ASP A 92 -29.58 24.34 17.90
C ASP A 92 -29.53 25.86 18.07
N ASN A 93 -30.17 26.39 19.11
CA ASN A 93 -30.22 27.82 19.31
C ASN A 93 -28.85 28.37 19.70
N ASP A 94 -27.94 27.50 20.16
CA ASP A 94 -26.72 27.94 20.84
C ASP A 94 -25.46 27.50 20.11
N PHE A 95 -25.56 26.50 19.22
CA PHE A 95 -24.39 25.83 18.68
C PHE A 95 -24.58 25.42 17.21
N VAL A 96 -23.46 25.42 16.47
CA VAL A 96 -23.40 24.77 15.17
C VAL A 96 -22.60 23.48 15.34
N PHE A 97 -23.13 22.39 14.76
CA PHE A 97 -22.57 21.05 14.91
C PHE A 97 -22.12 20.51 13.56
N VAL A 98 -20.85 20.13 13.46
CA VAL A 98 -20.34 19.57 12.23
C VAL A 98 -19.83 18.15 12.49
N VAL A 99 -20.34 17.20 11.72
CA VAL A 99 -19.99 15.80 11.88
C VAL A 99 -19.01 15.40 10.76
N LEU A 100 -17.78 15.09 11.18
CA LEU A 100 -16.69 14.74 10.28
C LEU A 100 -16.19 13.34 10.56
N GLU A 101 -15.42 12.80 9.60
CA GLU A 101 -14.72 11.54 9.78
C GLU A 101 -13.68 11.67 10.90
N LEU A 102 -13.77 10.77 11.88
CA LEU A 102 -12.75 10.64 12.91
C LEU A 102 -11.50 9.97 12.34
N CYS A 103 -10.37 10.68 12.43
CA CYS A 103 -9.12 10.19 11.89
C CYS A 103 -8.27 9.74 13.05
N ARG A 104 -8.22 8.43 13.28
CA ARG A 104 -7.80 7.90 14.56
C ARG A 104 -6.29 7.87 14.71
N ARG A 105 -5.55 8.16 13.63
CA ARG A 105 -4.09 8.21 13.72
C ARG A 105 -3.59 9.65 13.63
N ARG A 106 -4.41 10.60 14.08
CA ARG A 106 -4.02 11.98 14.27
C ARG A 106 -3.68 12.63 12.93
N SER A 107 -2.58 13.39 12.90
CA SER A 107 -2.21 14.19 11.73
C SER A 107 -0.71 14.12 11.50
N LEU A 108 -0.26 14.66 10.36
CA LEU A 108 1.16 14.70 10.09
C LEU A 108 1.90 15.59 11.09
N LEU A 109 1.18 16.47 11.83
CA LEU A 109 1.82 17.29 12.84
C LEU A 109 2.40 16.42 13.94
N GLU A 110 1.59 15.46 14.43
CA GLU A 110 2.00 14.59 15.51
C GLU A 110 3.16 13.73 15.04
N LEU A 111 3.04 13.20 13.81
CA LEU A 111 4.09 12.41 13.19
C LEU A 111 5.39 13.22 13.17
N HIS A 112 5.25 14.47 12.72
CA HIS A 112 6.40 15.33 12.50
C HIS A 112 7.09 15.59 13.83
N LYS A 113 6.31 15.85 14.87
CA LYS A 113 6.88 16.13 16.19
C LYS A 113 7.69 14.96 16.71
N ARG A 114 7.28 13.73 16.36
CA ARG A 114 7.94 12.54 16.89
C ARG A 114 9.13 12.15 16.03
N ARG A 115 8.98 12.30 14.71
CA ARG A 115 9.92 11.72 13.74
C ARG A 115 10.90 12.79 13.21
N LYS A 116 10.47 14.05 13.16
CA LYS A 116 11.14 15.09 12.40
C LYS A 116 11.26 14.63 10.95
N ALA A 117 12.47 14.63 10.38
CA ALA A 117 12.63 14.24 8.99
C ALA A 117 12.22 12.78 8.82
N LEU A 118 11.35 12.52 7.83
CA LEU A 118 11.01 11.17 7.41
C LEU A 118 12.04 10.64 6.42
N THR A 119 12.00 9.33 6.18
CA THR A 119 12.70 8.73 5.05
C THR A 119 11.95 9.15 3.78
N GLU A 120 12.68 9.16 2.68
CA GLU A 120 12.13 9.61 1.40
C GLU A 120 10.92 8.76 1.02
N PRO A 121 10.97 7.42 1.14
CA PRO A 121 9.82 6.60 0.76
C PRO A 121 8.56 6.95 1.54
N GLU A 122 8.72 7.30 2.82
CA GLU A 122 7.60 7.77 3.63
C GLU A 122 7.04 9.06 3.07
N ALA A 123 7.92 10.04 2.83
CA ALA A 123 7.49 11.33 2.32
C ALA A 123 6.74 11.10 1.01
N ARG A 124 7.29 10.22 0.16
CA ARG A 124 6.72 9.94 -1.14
C ARG A 124 5.30 9.40 -0.94
N TYR A 125 5.17 8.44 0.00
CA TYR A 125 3.88 7.80 0.26
C TYR A 125 2.86 8.86 0.66
N TYR A 126 3.22 9.73 1.60
CA TYR A 126 2.29 10.74 2.11
C TYR A 126 2.01 11.83 1.08
N LEU A 127 3.09 12.32 0.45
CA LEU A 127 2.98 13.41 -0.50
C LEU A 127 2.09 13.03 -1.69
N ARG A 128 2.19 11.77 -2.15
CA ARG A 128 1.37 11.37 -3.30
C ARG A 128 -0.11 11.51 -2.96
N GLN A 129 -0.49 11.12 -1.74
CA GLN A 129 -1.87 11.18 -1.31
C GLN A 129 -2.29 12.65 -1.15
N ILE A 130 -1.41 13.47 -0.59
CA ILE A 130 -1.70 14.88 -0.43
C ILE A 130 -1.99 15.48 -1.81
N VAL A 131 -1.16 15.13 -2.80
CA VAL A 131 -1.28 15.71 -4.13
C VAL A 131 -2.55 15.22 -4.82
N LEU A 132 -2.87 13.93 -4.69
CA LEU A 132 -4.07 13.37 -5.26
C LEU A 132 -5.29 14.07 -4.66
N GLY A 133 -5.27 14.27 -3.35
CA GLY A 133 -6.37 14.92 -2.69
C GLY A 133 -6.55 16.35 -3.19
N CYS A 134 -5.43 17.06 -3.32
CA CYS A 134 -5.45 18.45 -3.73
C CYS A 134 -5.82 18.58 -5.20
N GLN A 135 -5.45 17.58 -6.02
CA GLN A 135 -5.83 17.58 -7.42
C GLN A 135 -7.35 17.52 -7.54
N TYR A 136 -7.98 16.70 -6.68
CA TYR A 136 -9.42 16.57 -6.66
C TYR A 136 -10.05 17.93 -6.32
N LEU A 137 -9.50 18.63 -5.31
CA LEU A 137 -10.01 19.94 -4.93
C LEU A 137 -9.92 20.91 -6.11
N HIS A 138 -8.73 21.03 -6.70
CA HIS A 138 -8.49 21.94 -7.80
C HIS A 138 -9.43 21.64 -8.96
N ARG A 139 -9.65 20.37 -9.25
CA ARG A 139 -10.54 20.00 -10.35
C ARG A 139 -11.98 20.39 -10.01
N ASN A 140 -12.31 20.49 -8.72
CA ASN A 140 -13.63 20.93 -8.31
C ASN A 140 -13.62 22.42 -7.99
N ARG A 141 -12.56 23.12 -8.42
CA ARG A 141 -12.47 24.58 -8.38
C ARG A 141 -12.35 25.08 -6.94
N VAL A 142 -11.79 24.24 -6.06
CA VAL A 142 -11.55 24.59 -4.67
C VAL A 142 -10.06 24.77 -4.45
N ILE A 143 -9.69 25.94 -3.91
CA ILE A 143 -8.37 26.17 -3.35
C ILE A 143 -8.46 26.00 -1.83
N HIS A 144 -7.59 25.18 -1.24
CA HIS A 144 -7.63 24.95 0.20
C HIS A 144 -7.10 26.18 0.94
N ARG A 145 -5.89 26.61 0.56
CA ARG A 145 -5.25 27.84 1.01
C ARG A 145 -4.63 27.75 2.40
N ASP A 146 -4.73 26.60 3.08
CA ASP A 146 -4.17 26.49 4.41
C ASP A 146 -3.67 25.08 4.68
N LEU A 147 -3.06 24.45 3.66
CA LEU A 147 -2.55 23.11 3.83
C LEU A 147 -1.40 23.19 4.83
N LYS A 148 -1.42 22.32 5.84
CA LYS A 148 -0.35 22.25 6.82
C LYS A 148 -0.39 20.89 7.49
N LEU A 149 0.62 20.61 8.33
CA LEU A 149 0.77 19.28 8.89
C LEU A 149 -0.47 18.91 9.72
N GLY A 150 -1.04 19.90 10.40
CA GLY A 150 -2.11 19.68 11.35
C GLY A 150 -3.46 19.40 10.70
N ASN A 151 -3.61 19.68 9.40
CA ASN A 151 -4.88 19.38 8.75
C ASN A 151 -4.72 18.29 7.69
N LEU A 152 -3.60 17.57 7.76
CA LEU A 152 -3.44 16.37 6.99
C LEU A 152 -3.55 15.18 7.92
N PHE A 153 -4.79 14.68 8.05
CA PHE A 153 -5.11 13.65 9.02
C PHE A 153 -4.78 12.28 8.43
N LEU A 154 -4.61 11.32 9.34
CA LEU A 154 -4.37 9.92 8.99
C LEU A 154 -5.44 9.02 9.58
N ASN A 155 -5.98 8.11 8.77
CA ASN A 155 -6.91 7.11 9.25
C ASN A 155 -6.14 5.88 9.73
N GLU A 156 -6.87 4.80 10.03
CA GLU A 156 -6.27 3.61 10.59
C GLU A 156 -5.31 2.97 9.60
N ASP A 157 -5.52 3.23 8.30
CA ASP A 157 -4.66 2.64 7.27
C ASP A 157 -3.52 3.58 6.94
N LEU A 158 -3.34 4.66 7.72
CA LEU A 158 -2.37 5.70 7.43
C LEU A 158 -2.56 6.27 6.02
N GLU A 159 -3.82 6.42 5.62
CA GLU A 159 -4.19 7.17 4.43
C GLU A 159 -4.40 8.63 4.85
N VAL A 160 -3.79 9.57 4.12
CA VAL A 160 -3.97 11.00 4.33
C VAL A 160 -5.38 11.42 3.94
N LYS A 161 -5.99 12.21 4.82
CA LYS A 161 -7.27 12.86 4.60
C LYS A 161 -7.08 14.36 4.80
N ILE A 162 -7.32 15.14 3.72
CA ILE A 162 -7.23 16.60 3.81
C ILE A 162 -8.47 17.10 4.53
N GLY A 163 -8.22 17.87 5.61
CA GLY A 163 -9.31 18.46 6.38
C GLY A 163 -9.14 19.98 6.52
N ASP A 164 -10.08 20.56 7.28
CA ASP A 164 -10.03 21.94 7.73
C ASP A 164 -10.15 22.88 6.54
N PHE A 165 -11.38 23.08 6.05
CA PHE A 165 -11.65 23.92 4.89
C PHE A 165 -12.05 25.32 5.33
N GLY A 166 -11.55 25.79 6.47
CA GLY A 166 -11.95 27.09 7.00
C GLY A 166 -11.42 28.28 6.19
N LEU A 167 -10.32 28.10 5.45
CA LEU A 167 -9.78 29.13 4.61
C LEU A 167 -10.04 28.85 3.12
N ALA A 168 -10.78 27.79 2.82
CA ALA A 168 -10.96 27.37 1.44
C ALA A 168 -11.84 28.37 0.69
N THR A 169 -11.64 28.45 -0.63
CA THR A 169 -12.48 29.27 -1.49
C THR A 169 -12.77 28.53 -2.80
N LYS A 170 -13.89 28.88 -3.42
CA LYS A 170 -14.31 28.30 -4.68
C LYS A 170 -14.01 29.31 -5.78
N VAL A 171 -13.18 28.92 -6.76
CA VAL A 171 -12.94 29.75 -7.93
C VAL A 171 -14.20 29.72 -8.80
N GLU A 172 -14.80 30.90 -9.02
CA GLU A 172 -16.15 31.00 -9.58
C GLU A 172 -16.11 31.25 -11.08
N TYR A 173 -14.97 31.75 -11.59
CA TYR A 173 -14.81 32.04 -13.00
C TYR A 173 -13.33 31.93 -13.32
N ASP A 174 -13.02 31.83 -14.61
CA ASP A 174 -11.69 31.47 -15.07
C ASP A 174 -10.79 32.69 -15.03
N GLY A 175 -9.61 32.53 -14.42
CA GLY A 175 -8.63 33.60 -14.30
C GLY A 175 -8.97 34.55 -13.14
N GLU A 176 -9.87 34.12 -12.25
CA GLU A 176 -10.24 34.89 -11.07
C GLU A 176 -9.02 34.99 -10.17
N ARG A 177 -8.74 36.21 -9.69
CA ARG A 177 -7.66 36.45 -8.76
C ARG A 177 -8.30 36.74 -7.41
N LYS A 178 -8.06 35.84 -6.44
CA LYS A 178 -8.55 36.03 -5.08
C LYS A 178 -7.65 37.04 -4.37
N LYS A 179 -8.26 37.91 -3.55
CA LYS A 179 -7.54 39.02 -2.93
C LYS A 179 -7.64 38.98 -1.40
N THR A 180 -8.50 38.10 -0.87
CA THR A 180 -9.00 38.15 0.49
C THR A 180 -8.91 36.75 1.07
N LEU A 181 -8.42 36.62 2.32
CA LEU A 181 -8.62 35.41 3.08
C LEU A 181 -9.27 35.73 4.42
N CYS A 182 -10.10 34.81 4.91
CA CYS A 182 -10.85 34.96 6.14
C CYS A 182 -10.02 34.52 7.36
N GLY A 183 -8.69 34.72 7.28
CA GLY A 183 -7.74 34.28 8.30
C GLY A 183 -6.33 34.29 7.71
N THR A 184 -5.34 33.85 8.50
CA THR A 184 -3.95 33.91 8.11
C THR A 184 -3.45 32.49 7.86
N PRO A 185 -3.05 32.12 6.63
CA PRO A 185 -2.48 30.80 6.37
C PRO A 185 -1.21 30.56 7.16
N ASN A 186 -0.96 29.27 7.44
CA ASN A 186 0.26 28.80 8.09
C ASN A 186 1.48 29.12 7.23
N TYR A 187 1.50 28.61 5.99
CA TYR A 187 2.53 29.01 5.04
C TYR A 187 1.99 30.14 4.13
N ILE A 188 2.53 31.35 4.25
CA ILE A 188 2.15 32.45 3.40
C ILE A 188 2.92 32.39 2.07
N ALA A 189 2.19 32.22 0.97
CA ALA A 189 2.78 32.23 -0.36
C ALA A 189 3.26 33.64 -0.68
N PRO A 190 4.33 33.81 -1.49
CA PRO A 190 4.78 35.14 -1.89
C PRO A 190 3.69 36.01 -2.50
N GLU A 191 2.77 35.40 -3.24
CA GLU A 191 1.75 36.17 -3.94
C GLU A 191 0.68 36.66 -2.95
N VAL A 192 0.58 36.02 -1.78
CA VAL A 192 -0.32 36.49 -0.75
C VAL A 192 0.31 37.70 -0.06
N LEU A 193 1.63 37.69 0.13
CA LEU A 193 2.36 38.83 0.68
C LEU A 193 2.28 40.03 -0.25
N SER A 194 2.10 39.79 -1.56
CA SER A 194 2.07 40.85 -2.56
C SER A 194 0.64 41.37 -2.76
N LYS A 195 0.50 42.35 -3.65
CA LYS A 195 -0.79 42.96 -3.94
C LYS A 195 -1.44 42.28 -5.15
N LYS A 196 -0.79 41.25 -5.70
CA LYS A 196 -1.10 40.76 -7.05
C LYS A 196 -2.33 39.84 -7.03
N GLY A 197 -2.73 39.38 -5.84
CA GLY A 197 -3.78 38.40 -5.67
C GLY A 197 -3.24 36.98 -5.83
N HIS A 198 -4.11 35.98 -5.75
CA HIS A 198 -3.64 34.60 -5.73
C HIS A 198 -4.71 33.65 -6.27
N SER A 199 -4.28 32.41 -6.52
CA SER A 199 -5.12 31.38 -7.11
C SER A 199 -4.60 30.02 -6.69
N PHE A 200 -4.84 28.99 -7.53
CA PHE A 200 -4.64 27.60 -7.17
C PHE A 200 -3.18 27.33 -6.77
N GLU A 201 -2.25 28.15 -7.28
CA GLU A 201 -0.84 27.91 -7.08
C GLU A 201 -0.44 28.06 -5.61
N VAL A 202 -1.31 28.64 -4.75
CA VAL A 202 -0.98 28.79 -3.34
C VAL A 202 -0.94 27.42 -2.66
N ASP A 203 -1.74 26.46 -3.14
CA ASP A 203 -1.70 25.12 -2.57
C ASP A 203 -0.41 24.43 -2.98
N VAL A 204 0.06 24.69 -4.20
CA VAL A 204 1.29 24.06 -4.65
C VAL A 204 2.45 24.61 -3.80
N TRP A 205 2.39 25.89 -3.47
CA TRP A 205 3.39 26.49 -2.60
C TRP A 205 3.43 25.78 -1.25
N SER A 206 2.25 25.60 -0.64
CA SER A 206 2.18 24.96 0.66
C SER A 206 2.63 23.49 0.59
N ILE A 207 2.28 22.78 -0.48
CA ILE A 207 2.74 21.41 -0.64
C ILE A 207 4.26 21.41 -0.71
N GLY A 208 4.82 22.43 -1.36
CA GLY A 208 6.27 22.61 -1.39
C GLY A 208 6.87 22.72 0.01
N CYS A 209 6.25 23.54 0.85
CA CYS A 209 6.72 23.77 2.20
C CYS A 209 6.62 22.47 3.00
N ILE A 210 5.49 21.77 2.80
CA ILE A 210 5.23 20.52 3.49
C ILE A 210 6.29 19.50 3.09
N MET A 211 6.56 19.39 1.79
CA MET A 211 7.51 18.41 1.31
C MET A 211 8.89 18.71 1.91
N TYR A 212 9.27 19.99 1.89
CA TYR A 212 10.54 20.38 2.51
C TYR A 212 10.57 19.91 3.96
N THR A 213 9.52 20.23 4.73
CA THR A 213 9.49 19.93 6.16
C THR A 213 9.58 18.43 6.40
N LEU A 214 8.87 17.64 5.58
CA LEU A 214 8.84 16.19 5.76
C LEU A 214 10.23 15.60 5.49
N LEU A 215 10.96 16.14 4.52
CA LEU A 215 12.23 15.56 4.13
C LEU A 215 13.36 16.14 4.97
N VAL A 216 13.27 17.44 5.31
CA VAL A 216 14.39 18.12 5.93
C VAL A 216 14.25 18.06 7.45
N GLY A 217 13.01 18.16 7.94
CA GLY A 217 12.70 18.04 9.35
C GLY A 217 12.47 19.39 10.03
N LYS A 218 12.63 20.48 9.27
CA LYS A 218 12.34 21.82 9.76
C LYS A 218 11.66 22.59 8.64
N PRO A 219 10.92 23.68 8.96
CA PRO A 219 10.25 24.48 7.93
C PRO A 219 11.28 25.22 7.07
N PRO A 220 10.96 25.50 5.78
CA PRO A 220 11.90 26.17 4.89
C PRO A 220 12.24 27.62 5.19
N PHE A 221 11.26 28.41 5.66
CA PHE A 221 11.49 29.84 5.74
C PHE A 221 11.51 30.36 7.18
N GLU A 222 10.73 29.72 8.05
CA GLU A 222 10.41 30.24 9.37
C GLU A 222 11.68 30.46 10.20
N THR A 223 11.78 31.66 10.77
CA THR A 223 12.80 32.03 11.72
C THR A 223 12.09 32.45 13.02
N SER A 224 12.84 33.09 13.92
CA SER A 224 12.30 33.57 15.18
C SER A 224 11.58 34.91 15.01
N CYS A 225 11.74 35.54 13.84
CA CYS A 225 11.18 36.85 13.58
CA CYS A 225 11.14 36.85 13.60
C CYS A 225 10.33 36.82 12.31
N LEU A 226 9.03 37.14 12.45
CA LEU A 226 8.08 37.08 11.35
C LEU A 226 8.50 38.00 10.20
N LYS A 227 9.08 39.15 10.52
CA LYS A 227 9.54 40.09 9.53
C LYS A 227 10.61 39.45 8.65
N GLU A 228 11.61 38.83 9.30
CA GLU A 228 12.69 38.18 8.58
CA GLU A 228 12.70 38.17 8.60
C GLU A 228 12.12 37.03 7.75
N THR A 229 11.14 36.31 8.31
CA THR A 229 10.53 35.18 7.63
C THR A 229 9.87 35.69 6.35
N TYR A 230 9.08 36.75 6.47
CA TYR A 230 8.29 37.25 5.35
C TYR A 230 9.23 37.78 4.28
N LEU A 231 10.34 38.37 4.70
CA LEU A 231 11.32 38.89 3.78
C LEU A 231 11.97 37.76 2.99
N ARG A 232 12.27 36.63 3.65
CA ARG A 232 12.88 35.48 2.99
C ARG A 232 11.94 34.91 1.94
N ILE A 233 10.64 34.82 2.29
CA ILE A 233 9.64 34.33 1.38
C ILE A 233 9.64 35.18 0.11
N LYS A 234 9.64 36.50 0.27
CA LYS A 234 9.47 37.36 -0.90
C LYS A 234 10.74 37.34 -1.76
N LYS A 235 11.90 37.08 -1.13
CA LYS A 235 13.17 36.98 -1.84
C LYS A 235 13.50 35.53 -2.23
N ASN A 236 12.60 34.59 -1.92
CA ASN A 236 12.80 33.17 -2.22
C ASN A 236 14.11 32.65 -1.61
N GLU A 237 14.45 33.08 -0.40
CA GLU A 237 15.68 32.64 0.27
C GLU A 237 15.40 31.45 1.18
N TYR A 238 15.89 30.29 0.74
CA TYR A 238 15.90 29.05 1.52
C TYR A 238 17.03 28.18 0.98
N SER A 239 17.39 27.14 1.74
CA SER A 239 18.42 26.22 1.30
C SER A 239 17.97 24.79 1.59
N ILE A 240 18.11 23.94 0.58
CA ILE A 240 17.85 22.52 0.68
C ILE A 240 19.16 21.86 1.06
N PRO A 241 19.24 21.17 2.22
CA PRO A 241 20.48 20.51 2.61
C PRO A 241 20.95 19.52 1.53
N LYS A 242 22.27 19.28 1.51
CA LYS A 242 22.91 18.58 0.40
C LYS A 242 22.59 17.09 0.42
N HIS A 243 22.09 16.57 1.56
CA HIS A 243 21.82 15.15 1.71
C HIS A 243 20.46 14.79 1.10
N ILE A 244 19.64 15.80 0.79
CA ILE A 244 18.40 15.58 0.07
C ILE A 244 18.74 15.14 -1.36
N ASN A 245 18.05 14.10 -1.85
CA ASN A 245 18.33 13.53 -3.15
C ASN A 245 17.89 14.51 -4.25
N PRO A 246 18.59 14.51 -5.41
CA PRO A 246 18.39 15.50 -6.46
C PRO A 246 16.97 15.65 -6.98
N VAL A 247 16.27 14.53 -7.18
CA VAL A 247 14.95 14.55 -7.76
C VAL A 247 14.02 15.29 -6.80
N ALA A 248 14.08 14.94 -5.51
CA ALA A 248 13.27 15.59 -4.49
C ALA A 248 13.61 17.08 -4.40
N ALA A 249 14.91 17.39 -4.33
CA ALA A 249 15.37 18.77 -4.24
C ALA A 249 14.81 19.59 -5.39
N SER A 250 14.94 19.05 -6.60
CA SER A 250 14.49 19.71 -7.82
C SER A 250 12.99 20.01 -7.73
N LEU A 251 12.22 19.02 -7.24
CA LEU A 251 10.78 19.18 -7.12
C LEU A 251 10.45 20.27 -6.09
N ILE A 252 11.22 20.32 -5.00
CA ILE A 252 11.01 21.37 -4.01
C ILE A 252 11.23 22.72 -4.68
N GLN A 253 12.32 22.84 -5.44
CA GLN A 253 12.67 24.08 -6.10
C GLN A 253 11.60 24.50 -7.09
N LYS A 254 10.91 23.52 -7.71
CA LYS A 254 9.90 23.85 -8.69
C LYS A 254 8.68 24.47 -8.02
N MET A 255 8.36 23.97 -6.82
CA MET A 255 7.19 24.42 -6.07
C MET A 255 7.48 25.75 -5.36
N LEU A 256 8.68 25.89 -4.80
CA LEU A 256 9.04 27.07 -4.01
C LEU A 256 9.71 28.07 -4.92
N GLN A 257 8.91 28.66 -5.80
CA GLN A 257 9.32 29.74 -6.67
C GLN A 257 8.35 30.90 -6.48
N THR A 258 8.89 32.12 -6.55
CA THR A 258 8.13 33.34 -6.34
C THR A 258 7.02 33.45 -7.36
N ASP A 259 7.37 33.24 -8.63
CA ASP A 259 6.42 33.40 -9.72
C ASP A 259 5.45 32.23 -9.66
N PRO A 260 4.17 32.45 -9.33
CA PRO A 260 3.21 31.34 -9.24
C PRO A 260 3.01 30.60 -10.57
N THR A 261 3.16 31.29 -11.71
CA THR A 261 2.97 30.67 -13.02
C THR A 261 4.14 29.73 -13.34
N ALA A 262 5.26 29.86 -12.62
CA ALA A 262 6.43 29.04 -12.89
C ALA A 262 6.35 27.68 -12.18
N ARG A 263 5.41 27.54 -11.23
CA ARG A 263 5.31 26.34 -10.43
C ARG A 263 4.57 25.27 -11.22
N PRO A 264 4.75 23.97 -10.90
CA PRO A 264 3.95 22.93 -11.55
C PRO A 264 2.50 23.12 -11.14
N THR A 265 1.60 22.85 -12.07
CA THR A 265 0.20 22.65 -11.73
C THR A 265 0.16 21.41 -10.85
N ILE A 266 -0.97 21.21 -10.17
CA ILE A 266 -1.11 20.04 -9.30
C ILE A 266 -0.94 18.75 -10.11
N ASN A 267 -1.44 18.73 -11.35
CA ASN A 267 -1.31 17.55 -12.18
C ASN A 267 0.14 17.33 -12.56
N GLU A 268 0.83 18.39 -13.01
CA GLU A 268 2.25 18.30 -13.31
C GLU A 268 3.00 17.88 -12.06
N LEU A 269 2.52 18.28 -10.87
CA LEU A 269 3.20 17.91 -9.63
C LEU A 269 3.06 16.41 -9.43
N LEU A 270 1.84 15.90 -9.57
CA LEU A 270 1.56 14.48 -9.41
C LEU A 270 2.44 13.66 -10.33
N ASN A 271 2.77 14.20 -11.51
CA ASN A 271 3.47 13.47 -12.55
C ASN A 271 4.98 13.72 -12.50
N ASP A 272 5.49 14.29 -11.41
CA ASP A 272 6.93 14.52 -11.29
C ASP A 272 7.64 13.18 -11.18
N GLU A 273 8.91 13.17 -11.62
CA GLU A 273 9.78 12.02 -11.48
C GLU A 273 9.82 11.54 -10.02
N PHE A 274 9.69 12.47 -9.07
CA PHE A 274 9.75 12.11 -7.66
C PHE A 274 8.74 11.02 -7.33
N PHE A 275 7.56 11.04 -7.98
CA PHE A 275 6.50 10.09 -7.69
C PHE A 275 6.50 8.88 -8.64
N THR A 276 6.92 9.08 -9.89
CA THR A 276 6.75 8.05 -10.91
C THR A 276 7.92 7.06 -10.85
N SER A 277 9.04 7.54 -10.27
CA SER A 277 10.21 6.75 -9.93
C SER A 277 10.38 6.80 -8.42
N GLY A 278 11.41 6.14 -7.89
CA GLY A 278 11.58 6.08 -6.44
C GLY A 278 10.54 5.18 -5.79
N TYR A 279 10.87 4.66 -4.61
CA TYR A 279 10.09 3.59 -4.01
C TYR A 279 8.89 4.19 -3.30
N ILE A 280 7.69 3.60 -3.52
CA ILE A 280 6.55 3.89 -2.66
C ILE A 280 6.13 2.61 -1.95
N PRO A 281 6.23 2.55 -0.60
CA PRO A 281 5.92 1.34 0.14
C PRO A 281 4.45 1.00 -0.08
N ALA A 282 4.19 -0.31 -0.14
CA ALA A 282 2.85 -0.86 -0.16
C ALA A 282 2.14 -0.56 1.16
N ARG A 283 2.94 -0.51 2.24
CA ARG A 283 2.44 -0.28 3.58
C ARG A 283 3.54 0.36 4.45
N LEU A 284 3.14 1.35 5.25
CA LEU A 284 3.98 1.79 6.34
C LEU A 284 3.63 1.00 7.60
N PRO A 285 4.63 0.42 8.28
CA PRO A 285 4.39 -0.24 9.56
C PRO A 285 3.97 0.82 10.59
N ILE A 286 3.20 0.40 11.60
CA ILE A 286 2.62 1.35 12.53
C ILE A 286 3.73 1.93 13.41
N THR A 287 4.89 1.28 13.44
CA THR A 287 6.07 1.82 14.09
C THR A 287 6.49 3.18 13.52
N CYS A 288 6.06 3.49 12.30
N CYS A 288 6.06 3.48 12.29
CA CYS A 288 6.52 4.67 11.60
CA CYS A 288 6.49 4.68 11.58
C CYS A 288 5.97 5.95 12.23
C CYS A 288 5.97 5.96 12.24
N LEU A 289 4.99 5.83 13.12
CA LEU A 289 4.50 6.96 13.90
C LEU A 289 5.51 7.38 14.97
N THR A 290 6.53 6.57 15.27
CA THR A 290 7.38 6.82 16.44
C THR A 290 8.87 6.68 16.12
N ILE A 291 9.27 5.67 15.33
CA ILE A 291 10.66 5.47 14.96
C ILE A 291 10.79 5.26 13.45
N PRO A 292 12.00 5.44 12.88
CA PRO A 292 12.20 5.22 11.46
C PRO A 292 12.06 3.75 11.08
N PRO A 293 11.43 3.43 9.92
CA PRO A 293 11.33 2.06 9.44
C PRO A 293 12.45 1.71 8.48
N ARG A 294 12.79 0.42 8.40
CA ARG A 294 13.74 -0.14 7.43
C ARG A 294 12.99 -0.59 6.17
N PHE A 295 13.60 -0.41 4.99
CA PHE A 295 12.94 -0.77 3.74
C PHE A 295 13.89 -1.58 2.85
N SER A 296 13.30 -2.49 2.05
CA SER A 296 14.00 -3.28 1.05
C SER A 296 15.22 -3.96 1.68
N LYS B 8 25.90 -29.90 -22.09
CA LYS B 8 24.53 -30.47 -22.23
C LYS B 8 23.84 -30.55 -20.85
N GLU B 9 24.59 -30.93 -19.81
CA GLU B 9 24.02 -31.12 -18.47
C GLU B 9 24.30 -29.87 -17.63
N ILE B 10 23.26 -29.34 -16.96
CA ILE B 10 23.35 -28.06 -16.28
C ILE B 10 24.15 -28.22 -14.98
N PRO B 11 25.17 -27.37 -14.71
CA PRO B 11 25.94 -27.48 -13.48
C PRO B 11 25.06 -27.35 -12.23
N GLU B 12 25.43 -28.09 -11.18
CA GLU B 12 24.75 -28.01 -9.89
C GLU B 12 25.10 -26.69 -9.21
N VAL B 13 26.30 -26.16 -9.51
CA VAL B 13 26.72 -24.87 -9.00
C VAL B 13 27.08 -23.98 -10.19
N LEU B 14 26.52 -22.76 -10.21
CA LEU B 14 26.76 -21.81 -11.28
C LEU B 14 27.85 -20.85 -10.82
N VAL B 15 28.94 -20.75 -11.58
CA VAL B 15 30.08 -19.93 -11.20
C VAL B 15 30.25 -18.80 -12.21
N ASP B 16 30.15 -17.57 -11.71
CA ASP B 16 30.44 -16.38 -12.48
C ASP B 16 31.95 -16.18 -12.52
N PRO B 17 32.61 -16.29 -13.69
CA PRO B 17 34.06 -16.06 -13.79
C PRO B 17 34.48 -14.67 -13.33
N ARG B 18 33.62 -13.67 -13.59
CA ARG B 18 33.97 -12.28 -13.34
C ARG B 18 33.93 -11.99 -11.84
N SER B 19 32.74 -12.07 -11.24
CA SER B 19 32.53 -11.56 -9.88
C SER B 19 32.93 -12.57 -8.82
N ARG B 20 33.15 -13.84 -9.22
CA ARG B 20 33.60 -14.91 -8.33
C ARG B 20 32.43 -15.50 -7.56
N ARG B 21 31.24 -14.93 -7.72
CA ARG B 21 30.05 -15.36 -6.99
C ARG B 21 29.61 -16.71 -7.54
N ARG B 22 29.10 -17.57 -6.65
CA ARG B 22 28.68 -18.91 -7.01
C ARG B 22 27.24 -19.12 -6.53
N TYR B 23 26.43 -19.80 -7.36
CA TYR B 23 25.01 -19.98 -7.10
C TYR B 23 24.65 -21.47 -7.10
N VAL B 24 24.01 -21.95 -6.03
CA VAL B 24 23.58 -23.33 -5.96
C VAL B 24 22.23 -23.47 -6.66
N ARG B 25 22.15 -24.41 -7.62
CA ARG B 25 20.94 -24.62 -8.39
C ARG B 25 19.92 -25.35 -7.53
N GLY B 26 18.75 -24.73 -7.34
CA GLY B 26 17.67 -25.33 -6.57
C GLY B 26 16.53 -25.80 -7.47
N ARG B 27 15.31 -25.55 -7.03
CA ARG B 27 14.10 -26.14 -7.56
C ARG B 27 13.80 -25.61 -8.96
N PHE B 28 13.31 -26.53 -9.81
CA PHE B 28 12.96 -26.21 -11.19
C PHE B 28 11.69 -25.40 -11.20
N LEU B 29 11.69 -24.27 -11.93
CA LEU B 29 10.56 -23.38 -11.98
C LEU B 29 9.73 -23.61 -13.24
N GLY B 30 10.34 -24.19 -14.28
CA GLY B 30 9.67 -24.34 -15.55
C GLY B 30 10.53 -23.79 -16.69
N LYS B 31 10.10 -24.10 -17.93
CA LYS B 31 10.73 -23.52 -19.09
C LYS B 31 10.26 -22.08 -19.24
N GLY B 32 11.15 -21.22 -19.73
CA GLY B 32 10.77 -19.91 -20.24
C GLY B 32 11.37 -19.72 -21.63
N GLY B 33 10.62 -20.15 -22.66
CA GLY B 33 11.16 -20.25 -24.01
C GLY B 33 12.30 -21.28 -24.09
N PHE B 34 13.50 -20.80 -24.45
CA PHE B 34 14.70 -21.63 -24.61
C PHE B 34 15.33 -21.97 -23.27
N ALA B 35 14.90 -21.29 -22.20
CA ALA B 35 15.55 -21.39 -20.92
C ALA B 35 14.88 -22.45 -20.06
N LYS B 36 15.70 -23.18 -19.30
CA LYS B 36 15.19 -23.82 -18.10
C LYS B 36 15.42 -22.87 -16.93
N CYS B 37 14.42 -22.71 -16.07
CA CYS B 37 14.49 -21.74 -14.99
C CYS B 37 14.49 -22.43 -13.63
N PHE B 38 15.32 -21.92 -12.72
CA PHE B 38 15.50 -22.50 -11.40
C PHE B 38 15.60 -21.41 -10.34
N GLU B 39 15.11 -21.71 -9.13
CA GLU B 39 15.55 -21.00 -7.93
C GLU B 39 17.04 -21.27 -7.76
N ILE B 40 17.82 -20.19 -7.65
CA ILE B 40 19.24 -20.32 -7.35
C ILE B 40 19.56 -19.47 -6.12
N SER B 41 20.51 -19.94 -5.30
CA SER B 41 20.91 -19.23 -4.10
C SER B 41 22.41 -18.98 -4.10
N ASP B 42 22.79 -17.73 -3.78
CA ASP B 42 24.18 -17.36 -3.58
C ASP B 42 24.75 -18.20 -2.45
N ALA B 43 25.94 -18.80 -2.66
CA ALA B 43 26.54 -19.68 -1.67
C ALA B 43 26.94 -18.91 -0.41
N ASP B 44 27.33 -17.64 -0.57
CA ASP B 44 27.77 -16.79 0.53
C ASP B 44 26.56 -16.13 1.21
N THR B 45 25.89 -15.22 0.50
CA THR B 45 24.88 -14.34 1.08
C THR B 45 23.57 -15.11 1.32
N LYS B 46 23.36 -16.19 0.56
CA LYS B 46 22.20 -17.06 0.67
C LYS B 46 20.94 -16.40 0.10
N GLU B 47 21.08 -15.25 -0.59
CA GLU B 47 19.96 -14.66 -1.30
C GLU B 47 19.49 -15.62 -2.39
N VAL B 48 18.18 -15.64 -2.63
CA VAL B 48 17.62 -16.53 -3.62
C VAL B 48 17.15 -15.70 -4.80
N PHE B 49 17.41 -16.23 -6.00
CA PHE B 49 17.06 -15.57 -7.25
C PHE B 49 16.40 -16.58 -8.19
N ALA B 50 15.83 -16.03 -9.27
CA ALA B 50 15.38 -16.85 -10.39
C ALA B 50 16.50 -16.88 -11.42
N GLY B 51 16.98 -18.09 -11.74
CA GLY B 51 17.97 -18.28 -12.78
C GLY B 51 17.33 -18.77 -14.08
N LYS B 52 17.61 -18.04 -15.17
CA LYS B 52 17.32 -18.48 -16.52
C LYS B 52 18.59 -19.10 -17.12
N ILE B 53 18.50 -20.39 -17.49
CA ILE B 53 19.65 -21.09 -18.03
C ILE B 53 19.35 -21.48 -19.48
N VAL B 54 20.10 -20.87 -20.39
CA VAL B 54 19.88 -21.04 -21.83
C VAL B 54 21.08 -21.79 -22.40
N PRO B 55 20.86 -22.98 -23.00
CA PRO B 55 21.93 -23.73 -23.64
C PRO B 55 22.44 -23.00 -24.88
N LYS B 56 23.76 -22.88 -24.98
CA LYS B 56 24.38 -22.24 -26.13
C LYS B 56 24.11 -23.05 -27.39
N SER B 57 23.74 -24.33 -27.25
CA SER B 57 23.33 -25.15 -28.39
C SER B 57 22.07 -24.57 -29.06
N LEU B 58 21.22 -23.88 -28.30
CA LEU B 58 19.99 -23.32 -28.85
C LEU B 58 20.22 -21.89 -29.33
N LEU B 59 21.45 -21.38 -29.20
CA LEU B 59 21.74 -20.00 -29.58
C LEU B 59 22.58 -19.97 -30.84
N LEU B 60 22.71 -21.08 -31.58
CA LEU B 60 23.70 -21.17 -32.64
C LEU B 60 23.32 -20.30 -33.84
N LYS B 61 22.02 -20.07 -34.09
CA LYS B 61 21.61 -19.18 -35.18
C LYS B 61 21.90 -17.73 -34.77
N PRO B 62 22.37 -16.86 -35.71
CA PRO B 62 22.62 -15.44 -35.42
C PRO B 62 21.52 -14.69 -34.66
N HIS B 63 20.27 -14.86 -35.14
CA HIS B 63 19.10 -14.14 -34.63
C HIS B 63 18.77 -14.53 -33.19
N GLN B 64 19.25 -15.70 -32.73
CA GLN B 64 18.91 -16.20 -31.41
C GLN B 64 19.93 -15.72 -30.39
N ARG B 65 21.21 -15.70 -30.76
CA ARG B 65 22.27 -15.13 -29.95
C ARG B 65 21.96 -13.66 -29.70
N GLU B 66 21.56 -12.95 -30.76
CA GLU B 66 21.36 -11.51 -30.72
C GLU B 66 20.14 -11.19 -29.88
N LYS B 67 19.08 -12.00 -30.01
CA LYS B 67 17.88 -11.78 -29.19
C LYS B 67 18.20 -11.91 -27.70
N MET B 68 19.00 -12.94 -27.35
CA MET B 68 19.48 -13.21 -26.01
C MET B 68 20.29 -12.02 -25.49
N SER B 69 21.19 -11.51 -26.32
CA SER B 69 22.03 -10.37 -25.97
C SER B 69 21.20 -9.11 -25.78
N MET B 70 20.12 -8.97 -26.55
CA MET B 70 19.34 -7.75 -26.53
C MET B 70 18.46 -7.75 -25.28
N GLU B 71 17.89 -8.91 -24.93
CA GLU B 71 17.13 -9.02 -23.70
C GLU B 71 17.99 -8.58 -22.52
N ILE B 72 19.25 -9.02 -22.52
CA ILE B 72 20.17 -8.76 -21.43
C ILE B 72 20.55 -7.28 -21.42
N SER B 73 20.88 -6.75 -22.59
CA SER B 73 21.28 -5.36 -22.79
C SER B 73 20.19 -4.42 -22.27
N ILE B 74 18.93 -4.71 -22.60
CA ILE B 74 17.81 -3.85 -22.23
C ILE B 74 17.50 -4.02 -20.75
N HIS B 75 17.31 -5.27 -20.29
CA HIS B 75 16.85 -5.52 -18.94
C HIS B 75 17.84 -4.94 -17.92
N ARG B 76 19.14 -5.18 -18.12
CA ARG B 76 20.17 -4.80 -17.15
C ARG B 76 20.26 -3.28 -16.99
N SER B 77 19.74 -2.52 -17.96
CA SER B 77 19.81 -1.06 -17.91
C SER B 77 18.59 -0.50 -17.16
N LEU B 78 17.71 -1.37 -16.68
CA LEU B 78 16.44 -0.97 -16.11
C LEU B 78 16.45 -1.15 -14.60
N ALA B 79 15.79 -0.23 -13.89
CA ALA B 79 15.59 -0.31 -12.46
C ALA B 79 14.38 0.56 -12.06
N HIS B 80 13.32 -0.12 -11.61
CA HIS B 80 12.07 0.51 -11.28
C HIS B 80 11.25 -0.43 -10.41
N GLN B 81 10.42 0.18 -9.57
CA GLN B 81 9.63 -0.56 -8.61
C GLN B 81 8.75 -1.60 -9.32
N HIS B 82 8.35 -1.36 -10.57
CA HIS B 82 7.42 -2.26 -11.25
C HIS B 82 8.07 -2.96 -12.44
N VAL B 83 9.40 -3.15 -12.35
CA VAL B 83 10.15 -3.94 -13.32
C VAL B 83 10.97 -4.98 -12.57
N VAL B 84 10.95 -6.22 -13.09
CA VAL B 84 11.70 -7.32 -12.50
C VAL B 84 13.13 -6.87 -12.28
N GLY B 85 13.65 -7.11 -11.06
CA GLY B 85 15.05 -6.83 -10.76
C GLY B 85 15.98 -7.69 -11.61
N PHE B 86 16.97 -7.04 -12.23
CA PHE B 86 18.04 -7.72 -12.96
C PHE B 86 19.29 -7.77 -12.10
N HIS B 87 19.80 -8.98 -11.84
CA HIS B 87 20.88 -9.12 -10.85
C HIS B 87 22.21 -9.52 -11.49
N GLY B 88 22.19 -9.96 -12.75
CA GLY B 88 23.43 -10.15 -13.47
C GLY B 88 23.30 -11.28 -14.49
N PHE B 89 24.37 -11.49 -15.25
CA PHE B 89 24.42 -12.56 -16.23
C PHE B 89 25.86 -12.98 -16.40
N PHE B 90 26.06 -14.22 -16.82
CA PHE B 90 27.40 -14.74 -17.11
C PHE B 90 27.21 -15.98 -17.97
N GLU B 91 28.33 -16.61 -18.39
CA GLU B 91 28.28 -17.77 -19.25
C GLU B 91 29.43 -18.73 -18.93
N ASP B 92 29.19 -20.02 -19.22
CA ASP B 92 30.24 -21.01 -19.31
C ASP B 92 30.34 -21.42 -20.78
N ASN B 93 31.00 -22.56 -21.07
CA ASN B 93 31.20 -23.00 -22.43
C ASN B 93 29.88 -23.42 -23.07
N ASP B 94 28.88 -23.76 -22.24
CA ASP B 94 27.71 -24.47 -22.69
C ASP B 94 26.41 -23.69 -22.45
N PHE B 95 26.44 -22.68 -21.58
CA PHE B 95 25.22 -22.04 -21.10
C PHE B 95 25.37 -20.54 -20.90
N VAL B 96 24.26 -19.82 -21.10
CA VAL B 96 24.12 -18.46 -20.65
C VAL B 96 23.22 -18.45 -19.42
N PHE B 97 23.65 -17.70 -18.39
CA PHE B 97 23.00 -17.66 -17.09
C PHE B 97 22.49 -16.25 -16.80
N VAL B 98 21.20 -16.13 -16.52
CA VAL B 98 20.64 -14.84 -16.23
C VAL B 98 20.01 -14.89 -14.84
N VAL B 99 20.45 -13.97 -13.96
CA VAL B 99 20.01 -13.94 -12.57
C VAL B 99 19.01 -12.79 -12.42
N LEU B 100 17.75 -13.16 -12.15
CA LEU B 100 16.65 -12.22 -12.01
C LEU B 100 16.06 -12.31 -10.61
N GLU B 101 15.24 -11.30 -10.29
CA GLU B 101 14.45 -11.32 -9.06
C GLU B 101 13.44 -12.46 -9.11
N LEU B 102 13.48 -13.31 -8.08
CA LEU B 102 12.48 -14.34 -7.85
C LEU B 102 11.19 -13.71 -7.36
N CYS B 103 10.11 -13.92 -8.13
CA CYS B 103 8.81 -13.38 -7.81
C CYS B 103 7.95 -14.52 -7.25
N ARG B 104 7.85 -14.57 -5.91
CA ARG B 104 7.39 -15.77 -5.23
C ARG B 104 5.88 -15.91 -5.27
N ARG B 105 5.16 -14.88 -5.73
CA ARG B 105 3.71 -14.97 -5.83
C ARG B 105 3.26 -15.10 -7.30
N ARG B 106 4.13 -15.65 -8.16
CA ARG B 106 3.76 -16.03 -9.51
C ARG B 106 3.46 -14.80 -10.36
N SER B 107 2.33 -14.78 -11.10
CA SER B 107 2.03 -13.73 -12.05
C SER B 107 0.55 -13.43 -12.07
N LEU B 108 0.15 -12.36 -12.77
CA LEU B 108 -1.26 -12.06 -12.92
C LEU B 108 -2.00 -13.14 -13.70
N LEU B 109 -1.26 -14.01 -14.44
CA LEU B 109 -1.90 -15.13 -15.12
C LEU B 109 -2.59 -16.04 -14.12
N GLU B 110 -1.83 -16.43 -13.08
CA GLU B 110 -2.35 -17.38 -12.10
C GLU B 110 -3.51 -16.72 -11.36
N LEU B 111 -3.35 -15.45 -10.99
CA LEU B 111 -4.39 -14.66 -10.35
C LEU B 111 -5.64 -14.67 -11.21
N HIS B 112 -5.45 -14.41 -12.51
CA HIS B 112 -6.56 -14.31 -13.44
C HIS B 112 -7.28 -15.66 -13.52
N LYS B 113 -6.52 -16.75 -13.57
CA LYS B 113 -7.11 -18.07 -13.71
C LYS B 113 -8.01 -18.39 -12.53
N ARG B 114 -7.65 -17.89 -11.34
CA ARG B 114 -8.40 -18.23 -10.15
C ARG B 114 -9.56 -17.26 -9.93
N ARG B 115 -9.34 -15.98 -10.27
CA ARG B 115 -10.27 -14.91 -9.93
C ARG B 115 -11.22 -14.59 -11.09
N LYS B 116 -10.78 -14.84 -12.33
CA LYS B 116 -11.44 -14.30 -13.51
C LYS B 116 -11.56 -12.78 -13.35
N ALA B 117 -12.77 -12.23 -13.50
CA ALA B 117 -12.94 -10.79 -13.41
C ALA B 117 -12.65 -10.31 -11.99
N LEU B 118 -11.80 -9.29 -11.87
CA LEU B 118 -11.50 -8.63 -10.61
C LEU B 118 -12.55 -7.57 -10.30
N THR B 119 -12.56 -7.09 -9.05
CA THR B 119 -13.30 -5.88 -8.72
C THR B 119 -12.55 -4.71 -9.33
N GLU B 120 -13.27 -3.63 -9.61
CA GLU B 120 -12.66 -2.51 -10.32
C GLU B 120 -11.50 -1.94 -9.51
N PRO B 121 -11.63 -1.76 -8.17
CA PRO B 121 -10.51 -1.24 -7.39
C PRO B 121 -9.24 -2.08 -7.51
N GLU B 122 -9.41 -3.41 -7.56
CA GLU B 122 -8.30 -4.31 -7.78
C GLU B 122 -7.65 -4.05 -9.14
N ALA B 123 -8.47 -4.00 -10.19
CA ALA B 123 -7.97 -3.78 -11.54
C ALA B 123 -7.19 -2.47 -11.55
N ARG B 124 -7.78 -1.46 -10.92
CA ARG B 124 -7.21 -0.12 -10.90
C ARG B 124 -5.85 -0.19 -10.19
N TYR B 125 -5.78 -0.90 -9.07
CA TYR B 125 -4.54 -1.09 -8.34
C TYR B 125 -3.47 -1.68 -9.26
N TYR B 126 -3.78 -2.80 -9.92
CA TYR B 126 -2.82 -3.48 -10.79
C TYR B 126 -2.49 -2.65 -12.02
N LEU B 127 -3.51 -2.09 -12.67
CA LEU B 127 -3.31 -1.34 -13.90
C LEU B 127 -2.42 -0.13 -13.66
N ARG B 128 -2.58 0.57 -12.53
CA ARG B 128 -1.73 1.72 -12.25
C ARG B 128 -0.26 1.28 -12.18
N GLN B 129 0.03 0.12 -11.57
CA GLN B 129 1.40 -0.35 -11.44
C GLN B 129 1.93 -0.74 -12.82
N ILE B 130 1.09 -1.40 -13.62
CA ILE B 130 1.48 -1.81 -14.96
C ILE B 130 1.86 -0.56 -15.75
N VAL B 131 1.03 0.49 -15.63
CA VAL B 131 1.20 1.68 -16.44
C VAL B 131 2.43 2.45 -15.97
N LEU B 132 2.65 2.53 -14.65
CA LEU B 132 3.83 3.19 -14.12
C LEU B 132 5.06 2.45 -14.64
N GLY B 133 5.05 1.12 -14.57
CA GLY B 133 6.18 0.33 -15.04
C GLY B 133 6.46 0.60 -16.52
N CYS B 134 5.39 0.62 -17.32
CA CYS B 134 5.52 0.78 -18.76
C CYS B 134 5.92 2.21 -19.12
N GLN B 135 5.47 3.20 -18.33
CA GLN B 135 5.86 4.59 -18.57
C GLN B 135 7.37 4.73 -18.38
N TYR B 136 7.91 4.03 -17.37
CA TYR B 136 9.34 4.04 -17.13
C TYR B 136 10.08 3.48 -18.34
N LEU B 137 9.60 2.35 -18.89
CA LEU B 137 10.18 1.76 -20.11
C LEU B 137 10.17 2.78 -21.25
N HIS B 138 8.99 3.31 -21.54
CA HIS B 138 8.81 4.25 -22.65
C HIS B 138 9.74 5.46 -22.49
N ARG B 139 9.86 5.98 -21.26
CA ARG B 139 10.74 7.11 -21.01
C ARG B 139 12.20 6.72 -21.23
N ASN B 140 12.51 5.43 -21.09
CA ASN B 140 13.87 4.95 -21.35
C ASN B 140 13.99 4.41 -22.77
N ARG B 141 12.99 4.72 -23.60
CA ARG B 141 13.04 4.46 -25.03
C ARG B 141 12.94 2.95 -25.29
N VAL B 142 12.28 2.22 -24.38
CA VAL B 142 12.09 0.79 -24.50
C VAL B 142 10.62 0.50 -24.77
N ILE B 143 10.36 -0.24 -25.84
CA ILE B 143 9.06 -0.88 -26.07
C ILE B 143 9.17 -2.35 -25.61
N HIS B 144 8.23 -2.79 -24.78
CA HIS B 144 8.28 -4.16 -24.28
C HIS B 144 7.84 -5.14 -25.37
N ARG B 145 6.64 -4.88 -25.92
CA ARG B 145 6.12 -5.61 -27.09
C ARG B 145 5.55 -6.99 -26.76
N ASP B 146 5.53 -7.38 -25.48
CA ASP B 146 4.97 -8.68 -25.11
C ASP B 146 4.38 -8.61 -23.71
N LEU B 147 3.72 -7.50 -23.40
CA LEU B 147 3.03 -7.37 -22.14
C LEU B 147 1.88 -8.36 -22.14
N LYS B 148 1.81 -9.19 -21.11
CA LYS B 148 0.72 -10.15 -20.93
C LYS B 148 0.69 -10.58 -19.47
N LEU B 149 -0.36 -11.31 -19.08
CA LEU B 149 -0.58 -11.59 -17.68
C LEU B 149 0.59 -12.39 -17.11
N GLY B 150 1.16 -13.27 -17.95
CA GLY B 150 2.22 -14.19 -17.55
C GLY B 150 3.57 -13.51 -17.30
N ASN B 151 3.76 -12.28 -17.81
CA ASN B 151 4.99 -11.51 -17.65
C ASN B 151 4.81 -10.36 -16.67
N LEU B 152 3.66 -10.32 -15.98
CA LEU B 152 3.46 -9.39 -14.90
C LEU B 152 3.52 -10.18 -13.58
N PHE B 153 4.74 -10.27 -13.06
CA PHE B 153 5.04 -11.10 -11.92
C PHE B 153 4.68 -10.36 -10.63
N LEU B 154 4.47 -11.13 -9.55
CA LEU B 154 4.06 -10.60 -8.27
C LEU B 154 5.09 -10.97 -7.21
N ASN B 155 5.57 -9.96 -6.48
CA ASN B 155 6.42 -10.16 -5.32
C ASN B 155 5.56 -10.45 -4.09
N GLU B 156 6.20 -10.50 -2.92
CA GLU B 156 5.51 -10.88 -1.71
C GLU B 156 4.49 -9.82 -1.31
N ASP B 157 4.68 -8.57 -1.78
CA ASP B 157 3.74 -7.51 -1.47
C ASP B 157 2.63 -7.44 -2.51
N LEU B 158 2.60 -8.40 -3.44
CA LEU B 158 1.62 -8.49 -4.51
C LEU B 158 1.74 -7.27 -5.43
N GLU B 159 2.97 -6.73 -5.56
CA GLU B 159 3.27 -5.67 -6.49
C GLU B 159 3.66 -6.28 -7.84
N VAL B 160 3.12 -5.73 -8.94
CA VAL B 160 3.51 -6.18 -10.26
C VAL B 160 4.95 -5.76 -10.58
N LYS B 161 5.67 -6.73 -11.16
CA LYS B 161 6.98 -6.54 -11.73
C LYS B 161 6.91 -6.98 -13.20
N ILE B 162 7.17 -6.03 -14.11
CA ILE B 162 7.19 -6.32 -15.53
C ILE B 162 8.48 -7.08 -15.83
N GLY B 163 8.31 -8.25 -16.44
CA GLY B 163 9.44 -9.10 -16.79
C GLY B 163 9.37 -9.56 -18.24
N ASP B 164 10.35 -10.40 -18.58
CA ASP B 164 10.50 -11.02 -19.89
C ASP B 164 10.66 -9.97 -20.98
N PHE B 165 11.91 -9.51 -21.14
CA PHE B 165 12.26 -8.52 -22.16
C PHE B 165 12.78 -9.19 -23.43
N GLY B 166 12.28 -10.40 -23.72
CA GLY B 166 12.72 -11.17 -24.86
C GLY B 166 12.32 -10.57 -26.20
N LEU B 167 11.24 -9.80 -26.24
CA LEU B 167 10.77 -9.17 -27.47
C LEU B 167 11.02 -7.66 -27.44
N ALA B 168 11.66 -7.17 -26.36
CA ALA B 168 11.80 -5.74 -26.15
C ALA B 168 12.78 -5.15 -27.16
N THR B 169 12.58 -3.87 -27.51
CA THR B 169 13.47 -3.16 -28.40
C THR B 169 13.66 -1.73 -27.91
N LYS B 170 14.80 -1.13 -28.28
CA LYS B 170 15.16 0.21 -27.88
C LYS B 170 14.96 1.12 -29.08
N VAL B 171 14.09 2.13 -28.93
CA VAL B 171 13.92 3.15 -29.95
C VAL B 171 15.14 4.07 -29.94
N GLU B 172 15.86 4.13 -31.06
CA GLU B 172 17.21 4.68 -31.15
C GLU B 172 17.19 6.13 -31.61
N TYR B 173 16.08 6.56 -32.24
CA TYR B 173 15.91 7.95 -32.64
C TYR B 173 14.41 8.24 -32.66
N ASP B 174 14.05 9.52 -32.78
CA ASP B 174 12.69 9.95 -32.60
C ASP B 174 11.89 9.67 -33.88
N GLY B 175 10.74 9.00 -33.73
CA GLY B 175 9.87 8.65 -34.85
C GLY B 175 10.38 7.42 -35.61
N GLU B 176 11.29 6.65 -35.00
CA GLU B 176 11.75 5.40 -35.57
C GLU B 176 10.58 4.41 -35.63
N ARG B 177 10.41 3.76 -36.78
CA ARG B 177 9.35 2.77 -36.95
C ARG B 177 9.99 1.38 -36.91
N LYS B 178 9.58 0.58 -35.93
CA LYS B 178 10.08 -0.78 -35.77
C LYS B 178 9.32 -1.72 -36.70
N LYS B 179 9.94 -2.84 -37.06
CA LYS B 179 9.26 -3.87 -37.83
C LYS B 179 9.57 -5.26 -37.27
N THR B 180 10.88 -5.57 -37.19
CA THR B 180 11.37 -6.92 -36.88
C THR B 180 10.88 -7.37 -35.51
N LEU B 181 10.23 -8.55 -35.49
CA LEU B 181 9.81 -9.18 -34.26
C LEU B 181 10.22 -10.66 -34.28
N CYS B 182 11.13 -11.04 -33.37
CA CYS B 182 11.72 -12.37 -33.33
C CYS B 182 10.87 -13.32 -32.49
N GLY B 183 9.57 -13.35 -32.79
CA GLY B 183 8.59 -14.06 -31.98
C GLY B 183 7.21 -13.44 -32.09
N THR B 184 6.22 -14.06 -31.43
CA THR B 184 4.84 -13.62 -31.55
C THR B 184 4.39 -13.07 -30.21
N PRO B 185 4.04 -11.78 -30.09
CA PRO B 185 3.38 -11.30 -28.87
C PRO B 185 2.03 -11.97 -28.65
N ASN B 186 1.63 -12.07 -27.37
CA ASN B 186 0.34 -12.62 -26.99
C ASN B 186 -0.77 -11.67 -27.44
N TYR B 187 -0.69 -10.41 -27.02
CA TYR B 187 -1.67 -9.40 -27.38
C TYR B 187 -1.10 -8.55 -28.51
N ILE B 188 -1.30 -9.01 -29.75
CA ILE B 188 -0.58 -8.47 -30.88
C ILE B 188 -1.41 -7.31 -31.44
N ALA B 189 -0.78 -6.13 -31.54
CA ALA B 189 -1.44 -4.93 -32.02
C ALA B 189 -1.75 -5.05 -33.52
N PRO B 190 -2.87 -4.44 -34.00
CA PRO B 190 -3.21 -4.49 -35.42
C PRO B 190 -2.09 -4.06 -36.34
N GLU B 191 -1.27 -3.08 -35.94
CA GLU B 191 -0.24 -2.56 -36.82
C GLU B 191 0.91 -3.58 -36.98
N VAL B 192 1.05 -4.51 -36.02
CA VAL B 192 2.04 -5.56 -36.16
C VAL B 192 1.52 -6.60 -37.15
N LEU B 193 0.21 -6.88 -37.09
CA LEU B 193 -0.41 -7.83 -38.01
C LEU B 193 -0.39 -7.30 -39.45
N SER B 194 -0.28 -5.98 -39.62
CA SER B 194 -0.28 -5.36 -40.94
C SER B 194 1.14 -5.28 -41.52
N LYS B 195 1.27 -4.68 -42.71
CA LYS B 195 2.56 -4.51 -43.34
C LYS B 195 3.24 -3.20 -42.89
N LYS B 196 2.53 -2.40 -42.10
CA LYS B 196 3.07 -1.17 -41.54
C LYS B 196 4.04 -1.51 -40.42
N GLY B 197 4.82 -0.51 -39.99
CA GLY B 197 5.69 -0.65 -38.83
C GLY B 197 4.95 -0.31 -37.54
N HIS B 198 5.67 -0.20 -36.43
CA HIS B 198 5.03 -0.01 -35.14
C HIS B 198 5.97 0.71 -34.17
N SER B 199 5.40 1.13 -33.03
CA SER B 199 6.17 1.86 -32.04
C SER B 199 5.56 1.64 -30.64
N PHE B 200 5.75 2.63 -29.75
CA PHE B 200 5.38 2.53 -28.35
C PHE B 200 3.91 2.19 -28.17
N GLU B 201 3.07 2.53 -29.15
CA GLU B 201 1.63 2.36 -29.01
C GLU B 201 1.22 0.89 -28.90
N VAL B 202 2.12 -0.04 -29.27
CA VAL B 202 1.81 -1.47 -29.17
C VAL B 202 1.68 -1.88 -27.71
N ASP B 203 2.41 -1.24 -26.79
CA ASP B 203 2.29 -1.55 -25.37
C ASP B 203 0.96 -1.03 -24.86
N VAL B 204 0.50 0.11 -25.37
CA VAL B 204 -0.77 0.65 -24.91
C VAL B 204 -1.90 -0.26 -25.37
N TRP B 205 -1.76 -0.83 -26.58
CA TRP B 205 -2.72 -1.80 -27.05
C TRP B 205 -2.80 -2.99 -26.10
N SER B 206 -1.63 -3.55 -25.73
CA SER B 206 -1.54 -4.69 -24.84
C SER B 206 -2.17 -4.38 -23.47
N ILE B 207 -1.87 -3.18 -22.95
CA ILE B 207 -2.42 -2.79 -21.66
C ILE B 207 -3.93 -2.71 -21.77
N GLY B 208 -4.41 -2.27 -22.93
CA GLY B 208 -5.84 -2.29 -23.21
C GLY B 208 -6.43 -3.69 -23.09
N CYS B 209 -5.74 -4.68 -23.68
CA CYS B 209 -6.20 -6.05 -23.69
C CYS B 209 -6.20 -6.57 -22.25
N ILE B 210 -5.13 -6.24 -21.53
CA ILE B 210 -4.97 -6.64 -20.14
C ILE B 210 -6.12 -6.06 -19.32
N MET B 211 -6.40 -4.77 -19.50
CA MET B 211 -7.44 -4.11 -18.72
C MET B 211 -8.78 -4.78 -18.99
N TYR B 212 -9.05 -5.04 -20.28
CA TYR B 212 -10.26 -5.76 -20.63
C TYR B 212 -10.33 -7.08 -19.86
N THR B 213 -9.25 -7.87 -19.93
CA THR B 213 -9.24 -9.21 -19.35
C THR B 213 -9.47 -9.14 -17.84
N LEU B 214 -8.82 -8.18 -17.17
CA LEU B 214 -8.94 -8.05 -15.73
C LEU B 214 -10.36 -7.69 -15.32
N LEU B 215 -11.04 -6.84 -16.10
CA LEU B 215 -12.36 -6.36 -15.71
C LEU B 215 -13.45 -7.31 -16.21
N VAL B 216 -13.25 -7.91 -17.39
CA VAL B 216 -14.31 -8.69 -18.02
C VAL B 216 -14.17 -10.15 -17.62
N GLY B 217 -12.93 -10.62 -17.50
CA GLY B 217 -12.64 -11.98 -17.06
C GLY B 217 -12.32 -12.93 -18.21
N LYS B 218 -12.33 -12.43 -19.45
CA LYS B 218 -11.89 -13.18 -20.61
C LYS B 218 -11.16 -12.23 -21.55
N PRO B 219 -10.27 -12.72 -22.44
CA PRO B 219 -9.58 -11.84 -23.38
C PRO B 219 -10.53 -11.26 -24.40
N PRO B 220 -10.26 -10.04 -24.93
CA PRO B 220 -11.18 -9.36 -25.85
C PRO B 220 -11.33 -10.01 -27.22
N PHE B 221 -10.26 -10.60 -27.77
CA PHE B 221 -10.30 -11.08 -29.14
C PHE B 221 -10.27 -12.62 -29.21
N GLU B 222 -10.37 -13.29 -28.06
CA GLU B 222 -10.28 -14.73 -27.94
C GLU B 222 -11.33 -15.42 -28.82
N THR B 223 -10.87 -16.38 -29.63
CA THR B 223 -11.76 -17.29 -30.33
C THR B 223 -11.18 -18.70 -30.20
N SER B 224 -11.73 -19.64 -30.96
CA SER B 224 -11.24 -21.01 -30.97
C SER B 224 -10.02 -21.15 -31.89
N CYS B 225 -9.76 -20.15 -32.72
CA CYS B 225 -8.69 -20.22 -33.71
C CYS B 225 -7.89 -18.93 -33.72
N LEU B 226 -6.56 -19.05 -33.64
CA LEU B 226 -5.67 -17.90 -33.61
C LEU B 226 -5.81 -17.05 -34.88
N LYS B 227 -6.08 -17.69 -36.02
CA LYS B 227 -6.27 -16.94 -37.26
C LYS B 227 -7.51 -16.06 -37.16
N GLU B 228 -8.62 -16.62 -36.66
CA GLU B 228 -9.85 -15.86 -36.48
CA GLU B 228 -9.87 -15.91 -36.42
C GLU B 228 -9.61 -14.73 -35.47
N THR B 229 -8.80 -14.99 -34.44
CA THR B 229 -8.44 -13.98 -33.46
C THR B 229 -7.72 -12.83 -34.17
N TYR B 230 -6.74 -13.16 -35.01
CA TYR B 230 -5.97 -12.19 -35.77
C TYR B 230 -6.87 -11.32 -36.65
N LEU B 231 -7.88 -11.93 -37.26
CA LEU B 231 -8.80 -11.23 -38.14
C LEU B 231 -9.65 -10.23 -37.34
N ARG B 232 -10.08 -10.65 -36.13
CA ARG B 232 -10.91 -9.78 -35.31
C ARG B 232 -10.12 -8.54 -34.87
N ILE B 233 -8.84 -8.75 -34.54
CA ILE B 233 -7.95 -7.68 -34.15
C ILE B 233 -7.85 -6.67 -35.29
N LYS B 234 -7.69 -7.15 -36.54
CA LYS B 234 -7.51 -6.25 -37.67
C LYS B 234 -8.78 -5.44 -37.91
N LYS B 235 -9.95 -6.05 -37.63
CA LYS B 235 -11.24 -5.41 -37.83
C LYS B 235 -11.71 -4.68 -36.56
N ASN B 236 -10.92 -4.74 -35.48
CA ASN B 236 -11.28 -4.16 -34.20
C ASN B 236 -12.64 -4.62 -33.70
N GLU B 237 -12.94 -5.92 -33.87
CA GLU B 237 -14.19 -6.49 -33.42
C GLU B 237 -14.05 -7.08 -32.02
N TYR B 238 -14.68 -6.40 -31.06
CA TYR B 238 -14.77 -6.83 -29.68
C TYR B 238 -15.99 -6.18 -29.07
N SER B 239 -16.44 -6.70 -27.92
CA SER B 239 -17.63 -6.22 -27.26
C SER B 239 -17.33 -6.07 -25.76
N ILE B 240 -17.62 -4.89 -25.20
CA ILE B 240 -17.47 -4.66 -23.77
C ILE B 240 -18.82 -4.91 -23.13
N PRO B 241 -18.98 -5.92 -22.24
CA PRO B 241 -20.29 -6.18 -21.64
C PRO B 241 -20.81 -4.96 -20.88
N LYS B 242 -22.14 -4.90 -20.75
CA LYS B 242 -22.84 -3.69 -20.32
C LYS B 242 -22.60 -3.39 -18.84
N HIS B 243 -22.15 -4.40 -18.07
CA HIS B 243 -21.98 -4.26 -16.62
C HIS B 243 -20.66 -3.57 -16.30
N ILE B 244 -19.77 -3.44 -17.28
CA ILE B 244 -18.56 -2.66 -17.14
C ILE B 244 -18.95 -1.18 -17.01
N ASN B 245 -18.32 -0.47 -16.07
CA ASN B 245 -18.72 0.90 -15.79
C ASN B 245 -18.20 1.78 -16.93
N PRO B 246 -18.91 2.90 -17.25
CA PRO B 246 -18.63 3.65 -18.49
C PRO B 246 -17.24 4.25 -18.58
N VAL B 247 -16.68 4.70 -17.45
CA VAL B 247 -15.36 5.30 -17.43
C VAL B 247 -14.34 4.26 -17.90
N ALA B 248 -14.42 3.06 -17.31
CA ALA B 248 -13.53 1.97 -17.66
C ALA B 248 -13.71 1.57 -19.12
N ALA B 249 -14.98 1.40 -19.54
CA ALA B 249 -15.29 1.01 -20.90
C ALA B 249 -14.67 2.00 -21.88
N SER B 250 -14.84 3.29 -21.59
CA SER B 250 -14.33 4.36 -22.45
C SER B 250 -12.82 4.24 -22.59
N LEU B 251 -12.14 3.98 -21.46
CA LEU B 251 -10.68 3.88 -21.47
C LEU B 251 -10.26 2.66 -22.28
N ILE B 252 -11.01 1.55 -22.17
CA ILE B 252 -10.72 0.37 -22.98
C ILE B 252 -10.82 0.75 -24.46
N GLN B 253 -11.90 1.46 -24.82
CA GLN B 253 -12.14 1.81 -26.21
C GLN B 253 -11.04 2.74 -26.72
N LYS B 254 -10.46 3.57 -25.83
CA LYS B 254 -9.41 4.49 -26.25
C LYS B 254 -8.14 3.73 -26.61
N MET B 255 -7.87 2.66 -25.86
CA MET B 255 -6.65 1.87 -26.06
C MET B 255 -6.82 0.91 -27.23
N LEU B 256 -8.00 0.31 -27.37
CA LEU B 256 -8.25 -0.71 -28.38
C LEU B 256 -8.85 -0.04 -29.61
N GLN B 257 -8.01 0.75 -30.26
CA GLN B 257 -8.32 1.39 -31.53
C GLN B 257 -7.26 1.00 -32.53
N THR B 258 -7.70 0.76 -33.76
CA THR B 258 -6.84 0.29 -34.84
C THR B 258 -5.75 1.32 -35.10
N ASP B 259 -6.14 2.60 -35.19
CA ASP B 259 -5.20 3.67 -35.47
C ASP B 259 -4.31 3.87 -34.25
N PRO B 260 -3.00 3.54 -34.34
CA PRO B 260 -2.10 3.69 -33.21
C PRO B 260 -2.00 5.12 -32.68
N THR B 261 -2.13 6.12 -33.57
CA THR B 261 -2.00 7.52 -33.19
C THR B 261 -3.21 7.96 -32.35
N ALA B 262 -4.32 7.21 -32.43
CA ALA B 262 -5.55 7.59 -31.75
C ALA B 262 -5.54 7.13 -30.29
N ARG B 263 -4.59 6.27 -29.90
CA ARG B 263 -4.57 5.72 -28.56
C ARG B 263 -3.92 6.71 -27.59
N PRO B 264 -4.21 6.65 -26.28
CA PRO B 264 -3.50 7.47 -25.31
C PRO B 264 -2.02 7.09 -25.31
N THR B 265 -1.14 8.09 -25.17
CA THR B 265 0.23 7.81 -24.77
C THR B 265 0.16 7.21 -23.37
N ILE B 266 1.24 6.57 -22.96
CA ILE B 266 1.30 5.95 -21.64
C ILE B 266 1.03 6.98 -20.54
N ASN B 267 1.52 8.21 -20.70
CA ASN B 267 1.32 9.25 -19.71
C ASN B 267 -0.16 9.65 -19.67
N GLU B 268 -0.74 9.89 -20.85
CA GLU B 268 -2.17 10.15 -20.96
C GLU B 268 -2.95 9.00 -20.32
N LEU B 269 -2.45 7.77 -20.47
CA LEU B 269 -3.15 6.62 -19.95
C LEU B 269 -3.15 6.68 -18.42
N LEU B 270 -1.95 6.89 -17.86
CA LEU B 270 -1.77 7.01 -16.42
C LEU B 270 -2.76 8.02 -15.84
N ASN B 271 -3.04 9.09 -16.59
CA ASN B 271 -3.80 10.23 -16.08
C ASN B 271 -5.27 10.14 -16.43
N ASP B 272 -5.75 8.95 -16.88
CA ASP B 272 -7.15 8.83 -17.26
C ASP B 272 -8.07 8.98 -16.04
N GLU B 273 -9.31 9.43 -16.30
CA GLU B 273 -10.35 9.51 -15.29
C GLU B 273 -10.53 8.16 -14.58
N PHE B 274 -10.29 7.06 -15.30
CA PHE B 274 -10.45 5.73 -14.70
C PHE B 274 -9.65 5.61 -13.42
N PHE B 275 -8.48 6.27 -13.35
CA PHE B 275 -7.55 6.14 -12.23
C PHE B 275 -7.80 7.19 -11.16
N THR B 276 -8.25 8.39 -11.56
CA THR B 276 -8.40 9.49 -10.60
C THR B 276 -9.77 9.40 -9.93
N SER B 277 -10.71 8.64 -10.51
CA SER B 277 -12.12 8.84 -10.17
C SER B 277 -12.74 7.65 -9.42
N GLY B 278 -11.98 6.61 -9.10
CA GLY B 278 -12.45 5.64 -8.13
C GLY B 278 -11.38 5.30 -7.09
N TYR B 279 -11.76 4.45 -6.12
CA TYR B 279 -10.92 4.04 -5.01
C TYR B 279 -9.74 3.23 -5.50
N ILE B 280 -8.52 3.56 -5.03
CA ILE B 280 -7.37 2.71 -5.28
C ILE B 280 -6.81 2.26 -3.92
N PRO B 281 -6.85 0.94 -3.61
CA PRO B 281 -6.24 0.47 -2.37
C PRO B 281 -4.74 0.71 -2.44
N ALA B 282 -4.16 0.94 -1.25
CA ALA B 282 -2.73 1.09 -1.11
C ALA B 282 -2.03 -0.26 -1.33
N ARG B 283 -2.77 -1.35 -1.05
CA ARG B 283 -2.25 -2.69 -1.24
C ARG B 283 -3.39 -3.68 -1.15
N LEU B 284 -3.15 -4.92 -1.60
CA LEU B 284 -4.19 -5.95 -1.66
C LEU B 284 -3.97 -7.03 -0.61
N PRO B 285 -5.05 -7.61 -0.06
CA PRO B 285 -4.92 -8.74 0.87
C PRO B 285 -4.49 -10.00 0.11
N ILE B 286 -3.85 -10.93 0.83
CA ILE B 286 -3.33 -12.16 0.25
C ILE B 286 -4.48 -13.04 -0.27
N THR B 287 -5.68 -12.81 0.25
CA THR B 287 -6.88 -13.50 -0.21
C THR B 287 -7.14 -13.24 -1.69
N CYS B 288 -6.58 -12.15 -2.23
CA CYS B 288 -6.92 -11.67 -3.56
C CYS B 288 -6.42 -12.62 -4.64
N LEU B 289 -5.51 -13.52 -4.26
CA LEU B 289 -4.99 -14.52 -5.17
C LEU B 289 -6.02 -15.62 -5.42
N THR B 290 -7.10 -15.69 -4.62
CA THR B 290 -7.98 -16.86 -4.66
C THR B 290 -9.47 -16.49 -4.67
N ILE B 291 -9.88 -15.52 -3.85
CA ILE B 291 -11.30 -15.16 -3.73
C ILE B 291 -11.46 -13.65 -3.78
N PRO B 292 -12.67 -13.15 -4.07
CA PRO B 292 -12.90 -11.70 -4.05
C PRO B 292 -12.93 -11.17 -2.62
N PRO B 293 -12.65 -9.86 -2.40
CA PRO B 293 -12.83 -9.24 -1.10
C PRO B 293 -14.31 -9.02 -0.78
N SER C 12 -11.06 -37.32 -14.59
CA SER C 12 -10.85 -36.16 -15.49
C SER C 12 -12.15 -35.38 -15.66
N ASP C 13 -13.15 -36.05 -16.24
CA ASP C 13 -14.45 -35.43 -16.47
C ASP C 13 -15.18 -35.28 -15.13
N LEU C 14 -15.26 -36.38 -14.37
CA LEU C 14 -15.84 -36.36 -13.03
C LEU C 14 -15.01 -35.47 -12.12
N GLY C 15 -13.69 -35.43 -12.35
CA GLY C 15 -12.79 -34.57 -11.59
C GLY C 15 -13.19 -33.10 -11.68
N LYS C 16 -13.37 -32.61 -12.92
CA LYS C 16 -13.80 -31.26 -13.17
C LYS C 16 -15.12 -30.99 -12.46
N LYS C 17 -16.05 -31.95 -12.56
CA LYS C 17 -17.37 -31.79 -11.97
C LYS C 17 -17.24 -31.71 -10.44
N LEU C 18 -16.29 -32.45 -9.87
CA LEU C 18 -16.13 -32.52 -8.42
C LEU C 18 -15.48 -31.23 -7.93
N LEU C 19 -14.56 -30.68 -8.72
CA LEU C 19 -13.97 -29.39 -8.40
C LEU C 19 -15.06 -28.33 -8.30
N GLU C 20 -15.95 -28.29 -9.29
CA GLU C 20 -16.99 -27.27 -9.37
C GLU C 20 -17.99 -27.44 -8.23
N ALA C 21 -18.31 -28.69 -7.89
CA ALA C 21 -19.29 -28.99 -6.86
C ALA C 21 -18.74 -28.63 -5.47
N ALA C 22 -17.45 -28.90 -5.24
CA ALA C 22 -16.82 -28.59 -3.98
C ALA C 22 -16.75 -27.08 -3.79
N ARG C 23 -16.45 -26.35 -4.89
CA ARG C 23 -16.41 -24.91 -4.86
C ARG C 23 -17.79 -24.35 -4.53
N ALA C 24 -18.82 -24.86 -5.20
CA ALA C 24 -20.16 -24.29 -5.13
C ALA C 24 -20.88 -24.72 -3.85
N GLY C 25 -20.29 -25.67 -3.11
CA GLY C 25 -20.88 -26.16 -1.87
C GLY C 25 -22.05 -27.12 -2.11
N GLN C 26 -21.97 -27.91 -3.18
CA GLN C 26 -23.07 -28.80 -3.56
C GLN C 26 -22.85 -30.17 -2.92
N ASP C 27 -23.35 -30.32 -1.68
CA ASP C 27 -23.09 -31.48 -0.84
C ASP C 27 -23.52 -32.76 -1.54
N ASP C 28 -24.73 -32.76 -2.11
CA ASP C 28 -25.30 -33.94 -2.75
C ASP C 28 -24.47 -34.35 -3.96
N GLU C 29 -24.10 -33.37 -4.77
CA GLU C 29 -23.35 -33.63 -5.99
C GLU C 29 -22.00 -34.23 -5.63
N VAL C 30 -21.36 -33.72 -4.58
CA VAL C 30 -20.05 -34.18 -4.18
C VAL C 30 -20.12 -35.66 -3.84
N ARG C 31 -21.15 -36.08 -3.10
CA ARG C 31 -21.29 -37.47 -2.68
C ARG C 31 -21.50 -38.36 -3.90
N ILE C 32 -22.36 -37.91 -4.82
CA ILE C 32 -22.75 -38.69 -5.99
C ILE C 32 -21.52 -38.91 -6.87
N LEU C 33 -20.78 -37.83 -7.12
CA LEU C 33 -19.57 -37.87 -7.93
C LEU C 33 -18.52 -38.80 -7.31
N ILE C 34 -18.36 -38.73 -5.98
CA ILE C 34 -17.41 -39.59 -5.27
C ILE C 34 -17.85 -41.04 -5.41
N ALA C 35 -19.16 -41.31 -5.26
CA ALA C 35 -19.71 -42.66 -5.45
C ALA C 35 -19.49 -43.16 -6.88
N ASN C 36 -19.46 -42.25 -7.87
CA ASN C 36 -19.30 -42.63 -9.27
C ASN C 36 -17.82 -42.63 -9.65
N GLY C 37 -16.93 -42.48 -8.66
CA GLY C 37 -15.50 -42.73 -8.83
C GLY C 37 -14.72 -41.46 -9.16
N ALA C 38 -15.26 -40.29 -8.82
CA ALA C 38 -14.53 -39.05 -9.05
C ALA C 38 -13.26 -39.07 -8.22
N ASP C 39 -12.16 -38.58 -8.81
CA ASP C 39 -10.89 -38.51 -8.12
C ASP C 39 -10.96 -37.36 -7.12
N VAL C 40 -10.88 -37.69 -5.82
CA VAL C 40 -10.97 -36.68 -4.78
C VAL C 40 -9.72 -35.80 -4.81
N ASN C 41 -8.69 -36.22 -5.55
CA ASN C 41 -7.43 -35.48 -5.60
C ASN C 41 -7.24 -34.83 -6.97
N ALA C 42 -8.32 -34.71 -7.75
CA ALA C 42 -8.30 -33.92 -8.97
C ALA C 42 -7.75 -32.52 -8.69
N VAL C 43 -7.02 -31.96 -9.65
CA VAL C 43 -6.48 -30.61 -9.56
C VAL C 43 -6.98 -29.77 -10.73
N ASP C 44 -7.20 -28.47 -10.48
CA ASP C 44 -7.53 -27.52 -11.53
C ASP C 44 -6.24 -26.91 -12.09
N ASN C 45 -6.39 -25.84 -12.87
CA ASN C 45 -5.30 -25.28 -13.64
C ASN C 45 -4.36 -24.43 -12.78
N THR C 46 -4.63 -24.26 -11.48
CA THR C 46 -3.65 -23.66 -10.59
C THR C 46 -3.39 -24.55 -9.38
N GLY C 47 -3.65 -25.86 -9.49
CA GLY C 47 -3.28 -26.79 -8.45
C GLY C 47 -4.28 -26.84 -7.29
N LEU C 48 -5.46 -26.21 -7.45
CA LEU C 48 -6.50 -26.30 -6.44
C LEU C 48 -7.21 -27.65 -6.56
N THR C 49 -7.28 -28.36 -5.41
CA THR C 49 -8.00 -29.62 -5.31
C THR C 49 -9.40 -29.34 -4.77
N PRO C 50 -10.34 -30.31 -4.83
CA PRO C 50 -11.64 -30.14 -4.19
C PRO C 50 -11.54 -29.70 -2.73
N LEU C 51 -10.54 -30.25 -2.01
CA LEU C 51 -10.34 -29.92 -0.60
C LEU C 51 -9.98 -28.43 -0.45
N HIS C 52 -9.09 -27.92 -1.32
CA HIS C 52 -8.74 -26.51 -1.32
C HIS C 52 -9.99 -25.66 -1.51
N LEU C 53 -10.80 -26.04 -2.51
CA LEU C 53 -11.90 -25.21 -2.93
C LEU C 53 -12.97 -25.19 -1.85
N ALA C 54 -13.24 -26.36 -1.26
CA ALA C 54 -14.22 -26.44 -0.19
C ALA C 54 -13.73 -25.67 1.02
N ALA C 55 -12.43 -25.82 1.32
CA ALA C 55 -11.84 -25.16 2.47
C ALA C 55 -11.92 -23.64 2.34
N VAL C 56 -11.56 -23.11 1.16
CA VAL C 56 -11.46 -21.67 0.98
C VAL C 56 -12.86 -21.05 0.92
N SER C 57 -13.86 -21.88 0.59
CA SER C 57 -15.23 -21.40 0.42
C SER C 57 -16.05 -21.63 1.68
N GLY C 58 -15.47 -22.27 2.70
CA GLY C 58 -16.14 -22.46 3.98
C GLY C 58 -17.13 -23.64 4.00
N HIS C 59 -16.94 -24.63 3.12
CA HIS C 59 -17.88 -25.74 3.04
C HIS C 59 -17.39 -26.89 3.92
N LEU C 60 -17.80 -26.86 5.21
CA LEU C 60 -17.23 -27.74 6.22
C LEU C 60 -17.59 -29.19 5.94
N GLU C 61 -18.85 -29.42 5.61
CA GLU C 61 -19.37 -30.76 5.40
C GLU C 61 -18.57 -31.43 4.27
N ILE C 62 -18.33 -30.67 3.19
CA ILE C 62 -17.64 -31.21 2.02
C ILE C 62 -16.17 -31.47 2.36
N VAL C 63 -15.56 -30.59 3.14
CA VAL C 63 -14.18 -30.82 3.57
C VAL C 63 -14.11 -32.17 4.26
N GLU C 64 -15.03 -32.43 5.18
CA GLU C 64 -14.96 -33.65 5.97
C GLU C 64 -15.22 -34.87 5.08
N VAL C 65 -16.15 -34.78 4.13
CA VAL C 65 -16.46 -35.90 3.26
C VAL C 65 -15.22 -36.24 2.45
N LEU C 66 -14.55 -35.20 1.93
CA LEU C 66 -13.39 -35.40 1.10
C LEU C 66 -12.26 -36.08 1.89
N LEU C 67 -12.06 -35.64 3.14
CA LEU C 67 -11.01 -36.20 3.98
C LEU C 67 -11.27 -37.68 4.27
N LYS C 68 -12.52 -38.03 4.58
CA LYS C 68 -12.89 -39.40 4.85
C LYS C 68 -12.61 -40.31 3.64
N HIS C 69 -12.64 -39.72 2.44
CA HIS C 69 -12.42 -40.46 1.20
C HIS C 69 -10.97 -40.33 0.72
N GLY C 70 -10.09 -39.79 1.58
CA GLY C 70 -8.65 -39.92 1.38
C GLY C 70 -8.04 -38.76 0.58
N ALA C 71 -8.72 -37.62 0.58
CA ALA C 71 -8.19 -36.42 -0.05
C ALA C 71 -6.86 -36.07 0.60
N ASP C 72 -5.87 -35.69 -0.22
CA ASP C 72 -4.54 -35.36 0.27
CA ASP C 72 -4.54 -35.37 0.27
C ASP C 72 -4.64 -34.04 1.02
N VAL C 73 -4.38 -34.10 2.33
CA VAL C 73 -4.64 -32.98 3.23
C VAL C 73 -3.57 -31.91 3.03
N ASP C 74 -2.40 -32.29 2.50
CA ASP C 74 -1.31 -31.34 2.33
C ASP C 74 -1.01 -31.07 0.86
N ALA C 75 -1.96 -31.35 -0.05
CA ALA C 75 -1.80 -30.98 -1.45
C ALA C 75 -1.50 -29.49 -1.54
N ALA C 76 -0.47 -29.12 -2.33
CA ALA C 76 -0.06 -27.74 -2.46
C ALA C 76 -0.43 -27.23 -3.86
N ASP C 77 -1.05 -26.04 -3.91
CA ASP C 77 -1.40 -25.40 -5.17
C ASP C 77 -0.21 -24.66 -5.75
N VAL C 78 -0.47 -23.84 -6.78
CA VAL C 78 0.57 -23.19 -7.54
C VAL C 78 1.29 -22.11 -6.72
N TYR C 79 0.72 -21.69 -5.59
CA TYR C 79 1.35 -20.74 -4.67
C TYR C 79 2.06 -21.47 -3.54
N GLY C 80 1.82 -22.77 -3.42
CA GLY C 80 2.27 -23.56 -2.29
C GLY C 80 1.25 -23.60 -1.16
N PHE C 81 0.02 -23.12 -1.40
CA PHE C 81 -1.03 -23.14 -0.38
C PHE C 81 -1.58 -24.55 -0.23
N THR C 82 -1.63 -25.02 1.03
CA THR C 82 -2.39 -26.20 1.38
C THR C 82 -3.80 -25.77 1.71
N PRO C 83 -4.78 -26.71 1.78
CA PRO C 83 -6.12 -26.37 2.23
C PRO C 83 -6.14 -25.65 3.57
N LEU C 84 -5.20 -26.02 4.46
CA LEU C 84 -5.09 -25.41 5.77
C LEU C 84 -4.66 -23.93 5.65
N HIS C 85 -3.72 -23.63 4.74
CA HIS C 85 -3.40 -22.25 4.42
C HIS C 85 -4.67 -21.47 4.08
N LEU C 86 -5.51 -22.05 3.21
CA LEU C 86 -6.65 -21.31 2.69
C LEU C 86 -7.73 -21.19 3.76
N ALA C 87 -7.86 -22.21 4.61
CA ALA C 87 -8.85 -22.16 5.67
C ALA C 87 -8.45 -21.10 6.71
N ALA C 88 -7.17 -21.04 7.01
CA ALA C 88 -6.66 -20.12 8.00
C ALA C 88 -6.81 -18.68 7.52
N MET C 89 -6.50 -18.46 6.24
CA MET C 89 -6.54 -17.16 5.60
C MET C 89 -7.99 -16.63 5.55
N THR C 90 -8.98 -17.53 5.49
CA THR C 90 -10.37 -17.12 5.36
C THR C 90 -11.10 -17.13 6.70
N GLY C 91 -10.45 -17.60 7.77
CA GLY C 91 -11.03 -17.55 9.11
C GLY C 91 -12.04 -18.66 9.41
N HIS C 92 -11.94 -19.80 8.73
CA HIS C 92 -12.86 -20.91 8.94
C HIS C 92 -12.28 -21.85 10.00
N LEU C 93 -12.62 -21.57 11.26
CA LEU C 93 -12.09 -22.27 12.42
C LEU C 93 -12.37 -23.76 12.36
N GLU C 94 -13.63 -24.12 12.12
CA GLU C 94 -14.03 -25.53 12.11
C GLU C 94 -13.29 -26.30 11.02
N ILE C 95 -13.04 -25.66 9.89
CA ILE C 95 -12.33 -26.32 8.80
C ILE C 95 -10.87 -26.48 9.18
N VAL C 96 -10.30 -25.46 9.85
CA VAL C 96 -8.95 -25.60 10.38
C VAL C 96 -8.88 -26.85 11.26
N GLU C 97 -9.83 -26.97 12.20
CA GLU C 97 -9.83 -28.04 13.18
C GLU C 97 -9.91 -29.41 12.50
N VAL C 98 -10.82 -29.58 11.54
CA VAL C 98 -10.97 -30.88 10.91
C VAL C 98 -9.71 -31.21 10.10
N LEU C 99 -9.07 -30.21 9.49
CA LEU C 99 -7.87 -30.48 8.68
C LEU C 99 -6.76 -30.96 9.61
N LEU C 100 -6.58 -30.28 10.74
CA LEU C 100 -5.61 -30.71 11.73
C LEU C 100 -5.91 -32.13 12.18
N LYS C 101 -7.20 -32.43 12.45
CA LYS C 101 -7.59 -33.77 12.88
C LYS C 101 -7.16 -34.82 11.87
N TYR C 102 -7.23 -34.53 10.56
CA TYR C 102 -6.82 -35.49 9.54
C TYR C 102 -5.34 -35.34 9.20
N GLY C 103 -4.58 -34.64 10.06
CA GLY C 103 -3.13 -34.71 9.99
C GLY C 103 -2.51 -33.63 9.10
N ALA C 104 -3.23 -32.53 8.88
CA ALA C 104 -2.63 -31.39 8.19
C ALA C 104 -1.37 -30.92 8.92
N ASP C 105 -0.36 -30.56 8.14
CA ASP C 105 0.87 -30.00 8.65
C ASP C 105 0.59 -28.56 9.03
N VAL C 106 0.60 -28.28 10.34
CA VAL C 106 0.27 -26.97 10.85
C VAL C 106 1.35 -25.97 10.42
N ASN C 107 2.55 -26.45 10.08
CA ASN C 107 3.68 -25.61 9.69
C ASN C 107 4.03 -25.75 8.21
N ALA C 108 3.07 -26.15 7.38
CA ALA C 108 3.29 -26.22 5.94
C ALA C 108 3.74 -24.84 5.43
N PHE C 109 4.76 -24.85 4.58
CA PHE C 109 5.27 -23.64 3.99
C PHE C 109 4.72 -23.51 2.57
N ASP C 110 4.19 -22.33 2.26
CA ASP C 110 3.94 -21.92 0.88
C ASP C 110 5.28 -21.47 0.29
N MET C 111 5.26 -20.92 -0.92
CA MET C 111 6.50 -20.67 -1.63
C MET C 111 7.13 -19.36 -1.17
N THR C 112 6.50 -18.66 -0.23
CA THR C 112 7.14 -17.53 0.43
C THR C 112 7.72 -17.97 1.78
N GLY C 113 7.53 -19.23 2.14
CA GLY C 113 7.93 -19.70 3.45
C GLY C 113 6.96 -19.25 4.53
N SER C 114 5.73 -18.99 4.12
CA SER C 114 4.67 -18.63 5.04
C SER C 114 3.82 -19.86 5.37
N THR C 115 3.43 -19.93 6.64
CA THR C 115 2.62 -20.99 7.19
C THR C 115 1.19 -20.48 7.33
N PRO C 116 0.23 -21.37 7.63
CA PRO C 116 -1.14 -20.94 7.91
C PRO C 116 -1.27 -19.88 8.99
N LEU C 117 -0.32 -19.88 9.94
CA LEU C 117 -0.32 -18.93 11.05
C LEU C 117 0.02 -17.53 10.54
N HIS C 118 1.06 -17.41 9.73
CA HIS C 118 1.41 -16.15 9.06
C HIS C 118 0.19 -15.57 8.34
N LEU C 119 -0.53 -16.41 7.59
CA LEU C 119 -1.66 -15.95 6.80
C LEU C 119 -2.82 -15.58 7.71
N ALA C 120 -3.09 -16.39 8.73
CA ALA C 120 -4.15 -16.07 9.67
C ALA C 120 -3.87 -14.74 10.36
N ALA C 121 -2.61 -14.54 10.77
CA ALA C 121 -2.22 -13.32 11.47
C ALA C 121 -2.39 -12.12 10.56
N ASP C 122 -1.95 -12.27 9.31
CA ASP C 122 -1.97 -11.20 8.34
C ASP C 122 -3.41 -10.77 8.04
N GLU C 123 -4.37 -11.70 8.12
CA GLU C 123 -5.76 -11.41 7.82
C GLU C 123 -6.53 -11.07 9.08
N GLY C 124 -5.86 -11.07 10.23
CA GLY C 124 -6.48 -10.68 11.49
C GLY C 124 -7.40 -11.75 12.07
N HIS C 125 -7.21 -13.02 11.68
CA HIS C 125 -8.06 -14.08 12.18
C HIS C 125 -7.44 -14.66 13.44
N LEU C 126 -7.65 -13.98 14.57
CA LEU C 126 -6.84 -14.21 15.76
C LEU C 126 -7.25 -15.48 16.49
N GLU C 127 -8.54 -15.82 16.49
CA GLU C 127 -9.01 -17.12 16.95
C GLU C 127 -8.27 -18.26 16.24
N ILE C 128 -8.07 -18.14 14.93
CA ILE C 128 -7.32 -19.15 14.19
C ILE C 128 -5.88 -19.16 14.66
N VAL C 129 -5.27 -17.99 14.81
CA VAL C 129 -3.92 -17.92 15.31
C VAL C 129 -3.78 -18.76 16.58
N GLU C 130 -4.72 -18.58 17.51
CA GLU C 130 -4.69 -19.25 18.81
C GLU C 130 -4.68 -20.76 18.64
N VAL C 131 -5.58 -21.23 17.76
CA VAL C 131 -5.78 -22.65 17.53
C VAL C 131 -4.54 -23.24 16.88
N LEU C 132 -4.00 -22.57 15.87
CA LEU C 132 -2.79 -23.06 15.21
C LEU C 132 -1.67 -23.19 16.24
N LEU C 133 -1.55 -22.20 17.13
CA LEU C 133 -0.53 -22.24 18.17
C LEU C 133 -0.76 -23.43 19.11
N LYS C 134 -2.03 -23.65 19.45
CA LYS C 134 -2.41 -24.70 20.37
C LYS C 134 -1.96 -26.05 19.82
N TYR C 135 -1.98 -26.23 18.49
CA TYR C 135 -1.66 -27.55 17.94
C TYR C 135 -0.31 -27.50 17.21
N GLY C 136 0.59 -26.63 17.65
CA GLY C 136 2.01 -26.81 17.43
C GLY C 136 2.59 -25.88 16.37
N ALA C 137 1.83 -24.86 15.93
CA ALA C 137 2.41 -23.89 15.02
C ALA C 137 3.66 -23.27 15.64
N ASP C 138 4.71 -23.14 14.83
CA ASP C 138 5.96 -22.53 15.24
C ASP C 138 6.00 -21.08 14.77
N VAL C 139 6.11 -20.15 15.74
CA VAL C 139 6.16 -18.72 15.46
C VAL C 139 7.41 -18.36 14.67
N ASN C 140 8.50 -19.11 14.84
CA ASN C 140 9.74 -18.82 14.14
C ASN C 140 9.95 -19.73 12.93
N ALA C 141 8.87 -20.32 12.39
CA ALA C 141 9.02 -21.19 11.23
C ALA C 141 9.56 -20.39 10.05
N GLN C 142 10.59 -20.93 9.37
CA GLN C 142 11.19 -20.25 8.23
C GLN C 142 11.74 -21.30 7.25
N ASP C 143 11.67 -20.95 5.95
CA ASP C 143 12.01 -21.84 4.85
C ASP C 143 13.50 -21.69 4.54
N SER D 12 19.06 21.94 33.37
CA SER D 12 17.76 21.98 32.65
C SER D 12 16.72 21.19 33.44
N ASP D 13 15.57 20.93 32.81
CA ASP D 13 14.58 20.01 33.36
C ASP D 13 15.14 18.59 33.32
N LEU D 14 15.20 17.95 34.49
CA LEU D 14 15.68 16.58 34.59
C LEU D 14 14.75 15.63 33.81
N GLY D 15 13.45 15.95 33.77
CA GLY D 15 12.48 15.18 33.01
C GLY D 15 12.86 15.08 31.54
N LYS D 16 13.11 16.24 30.92
CA LYS D 16 13.52 16.32 29.54
C LYS D 16 14.79 15.51 29.34
N LYS D 17 15.76 15.66 30.26
CA LYS D 17 17.02 14.93 30.15
C LYS D 17 16.78 13.43 30.21
N LEU D 18 15.80 13.00 31.03
CA LEU D 18 15.52 11.59 31.24
C LEU D 18 14.82 11.02 30.00
N LEU D 19 13.95 11.83 29.39
CA LEU D 19 13.32 11.44 28.13
C LEU D 19 14.39 11.17 27.06
N GLU D 20 15.34 12.09 26.93
CA GLU D 20 16.38 11.99 25.92
C GLU D 20 17.28 10.78 26.18
N ALA D 21 17.58 10.51 27.46
CA ALA D 21 18.50 9.43 27.82
C ALA D 21 17.84 8.08 27.59
N ALA D 22 16.55 7.99 27.88
CA ALA D 22 15.80 6.77 27.67
C ALA D 22 15.71 6.47 26.18
N ARG D 23 15.52 7.51 25.37
CA ARG D 23 15.45 7.37 23.92
C ARG D 23 16.77 6.85 23.39
N ALA D 24 17.87 7.48 23.85
CA ALA D 24 19.19 7.25 23.31
C ALA D 24 19.79 5.94 23.82
N GLY D 25 19.15 5.34 24.83
CA GLY D 25 19.64 4.10 25.41
C GLY D 25 20.83 4.29 26.35
N GLN D 26 20.87 5.43 27.04
CA GLN D 26 21.98 5.75 27.94
C GLN D 26 21.68 5.26 29.35
N ASP D 27 22.04 4.00 29.61
CA ASP D 27 21.73 3.27 30.84
C ASP D 27 22.18 4.05 32.07
N ASP D 28 23.46 4.47 32.06
CA ASP D 28 24.05 5.12 33.21
C ASP D 28 23.41 6.49 33.44
N GLU D 29 23.12 7.23 32.37
CA GLU D 29 22.52 8.56 32.51
CA GLU D 29 22.53 8.56 32.53
C GLU D 29 21.14 8.42 33.15
N VAL D 30 20.40 7.40 32.73
CA VAL D 30 19.05 7.19 33.25
C VAL D 30 19.12 6.98 34.77
N ARG D 31 20.08 6.18 35.24
CA ARG D 31 20.20 5.89 36.67
C ARG D 31 20.57 7.17 37.43
N ILE D 32 21.51 7.95 36.88
CA ILE D 32 22.01 9.17 37.51
C ILE D 32 20.85 10.15 37.67
N LEU D 33 20.10 10.36 36.59
CA LEU D 33 18.98 11.29 36.57
C LEU D 33 17.91 10.87 37.56
N ILE D 34 17.63 9.56 37.63
CA ILE D 34 16.65 9.02 38.57
C ILE D 34 17.13 9.27 39.99
N ALA D 35 18.43 9.03 40.26
CA ALA D 35 19.01 9.32 41.58
C ALA D 35 18.95 10.82 41.92
N ASN D 36 18.97 11.69 40.90
CA ASN D 36 18.92 13.13 41.14
C ASN D 36 17.49 13.64 41.16
N GLY D 37 16.51 12.72 41.12
CA GLY D 37 15.11 13.04 41.36
C GLY D 37 14.31 13.29 40.07
N ALA D 38 14.82 12.84 38.93
CA ALA D 38 14.09 13.04 37.67
C ALA D 38 12.74 12.34 37.74
N ASP D 39 11.69 12.99 37.21
CA ASP D 39 10.35 12.41 37.19
C ASP D 39 10.32 11.27 36.17
N VAL D 40 10.12 10.04 36.65
CA VAL D 40 10.11 8.88 35.79
C VAL D 40 8.87 8.90 34.89
N ASN D 41 7.91 9.78 35.21
CA ASN D 41 6.66 9.85 34.49
C ASN D 41 6.58 11.15 33.67
N ALA D 42 7.73 11.79 33.45
CA ALA D 42 7.84 12.90 32.52
C ALA D 42 7.21 12.52 31.16
N VAL D 43 6.55 13.49 30.51
CA VAL D 43 5.97 13.29 29.18
C VAL D 43 6.52 14.34 28.22
N ASP D 44 6.71 13.94 26.96
CA ASP D 44 7.09 14.88 25.90
C ASP D 44 5.83 15.44 25.22
N ASN D 45 6.03 16.13 24.09
CA ASN D 45 4.95 16.88 23.45
C ASN D 45 3.97 15.98 22.68
N THR D 46 4.16 14.65 22.64
CA THR D 46 3.13 13.75 22.11
C THR D 46 2.82 12.65 23.11
N GLY D 47 3.08 12.89 24.40
CA GLY D 47 2.65 11.98 25.45
C GLY D 47 3.58 10.78 25.61
N LEU D 48 4.78 10.83 25.02
CA LEU D 48 5.74 9.75 25.23
C LEU D 48 6.45 9.97 26.56
N THR D 49 6.45 8.90 27.39
CA THR D 49 7.18 8.85 28.66
C THR D 49 8.51 8.16 28.43
N PRO D 50 9.46 8.24 29.40
CA PRO D 50 10.72 7.51 29.26
C PRO D 50 10.52 6.02 28.97
N LEU D 51 9.48 5.43 29.57
CA LEU D 51 9.18 4.02 29.40
C LEU D 51 8.77 3.75 27.95
N HIS D 52 7.94 4.64 27.36
CA HIS D 52 7.57 4.55 25.96
C HIS D 52 8.80 4.53 25.08
N LEU D 53 9.69 5.49 25.35
CA LEU D 53 10.81 5.75 24.46
C LEU D 53 11.78 4.57 24.54
N ALA D 54 12.02 4.09 25.75
CA ALA D 54 12.91 2.96 25.94
C ALA D 54 12.31 1.72 25.30
N ALA D 55 11.01 1.53 25.51
CA ALA D 55 10.32 0.36 25.00
C ALA D 55 10.38 0.32 23.48
N VAL D 56 10.10 1.46 22.83
CA VAL D 56 9.99 1.47 21.39
C VAL D 56 11.37 1.34 20.74
N SER D 57 12.41 1.68 21.50
CA SER D 57 13.76 1.70 20.97
C SER D 57 14.50 0.41 21.33
N GLY D 58 13.87 -0.46 22.13
CA GLY D 58 14.45 -1.75 22.49
C GLY D 58 15.44 -1.70 23.65
N HIS D 59 15.34 -0.69 24.52
CA HIS D 59 16.31 -0.53 25.61
C HIS D 59 15.81 -1.25 26.86
N LEU D 60 16.13 -2.55 26.98
CA LEU D 60 15.54 -3.43 27.98
C LEU D 60 15.97 -3.01 29.38
N GLU D 61 17.26 -2.73 29.54
CA GLU D 61 17.80 -2.37 30.85
C GLU D 61 17.07 -1.14 31.39
N ILE D 62 16.85 -0.13 30.54
CA ILE D 62 16.21 1.11 30.94
C ILE D 62 14.75 0.88 31.26
N VAL D 63 14.09 0.03 30.48
CA VAL D 63 12.71 -0.30 30.78
C VAL D 63 12.62 -0.84 32.20
N GLU D 64 13.51 -1.77 32.56
CA GLU D 64 13.50 -2.41 33.87
C GLU D 64 13.77 -1.38 34.97
N VAL D 65 14.74 -0.49 34.73
CA VAL D 65 15.11 0.49 35.73
C VAL D 65 13.90 1.39 36.02
N LEU D 66 13.23 1.81 34.95
CA LEU D 66 12.10 2.70 35.10
C LEU D 66 10.98 2.04 35.89
N LEU D 67 10.70 0.78 35.56
CA LEU D 67 9.62 0.03 36.20
C LEU D 67 9.91 -0.16 37.68
N LYS D 68 11.15 -0.51 38.02
CA LYS D 68 11.56 -0.70 39.41
C LYS D 68 11.34 0.57 40.24
N HIS D 69 11.40 1.74 39.59
CA HIS D 69 11.26 3.02 40.25
C HIS D 69 9.82 3.56 40.13
N GLY D 70 8.90 2.73 39.62
CA GLY D 70 7.47 3.01 39.73
C GLY D 70 6.89 3.76 38.53
N ALA D 71 7.58 3.72 37.40
CA ALA D 71 7.08 4.31 36.17
C ALA D 71 5.71 3.73 35.83
N ASP D 72 4.78 4.59 35.41
CA ASP D 72 3.42 4.17 35.09
C ASP D 72 3.46 3.31 33.83
N VAL D 73 3.09 2.04 34.00
CA VAL D 73 3.26 1.03 32.98
C VAL D 73 2.21 1.22 31.89
N ASP D 74 1.09 1.88 32.22
CA ASP D 74 -0.01 2.02 31.29
C ASP D 74 -0.22 3.47 30.84
N ALA D 75 0.79 4.34 31.03
CA ALA D 75 0.72 5.67 30.47
C ALA D 75 0.40 5.60 28.96
N ALA D 76 -0.55 6.41 28.52
CA ALA D 76 -0.97 6.41 27.12
C ALA D 76 -0.52 7.69 26.43
N ASP D 77 0.07 7.57 25.24
CA ASP D 77 0.51 8.70 24.45
C ASP D 77 -0.65 9.26 23.62
N VAL D 78 -0.32 10.18 22.72
CA VAL D 78 -1.30 10.91 21.95
C VAL D 78 -2.05 10.03 20.95
N TYR D 79 -1.54 8.82 20.66
CA TYR D 79 -2.21 7.85 19.79
C TYR D 79 -2.99 6.83 20.60
N GLY D 80 -2.81 6.87 21.94
CA GLY D 80 -3.37 5.85 22.82
C GLY D 80 -2.41 4.68 23.05
N PHE D 81 -1.15 4.80 22.59
CA PHE D 81 -0.19 3.72 22.75
C PHE D 81 0.30 3.71 24.19
N THR D 82 0.26 2.51 24.82
CA THR D 82 1.03 2.25 26.02
C THR D 82 2.41 1.78 25.60
N PRO D 83 3.40 1.75 26.52
CA PRO D 83 4.70 1.16 26.21
C PRO D 83 4.59 -0.26 25.66
N LEU D 84 3.60 -1.03 26.14
CA LEU D 84 3.39 -2.40 25.68
C LEU D 84 2.95 -2.41 24.21
N HIS D 85 2.09 -1.48 23.81
CA HIS D 85 1.76 -1.31 22.40
C HIS D 85 3.04 -1.12 21.58
N LEU D 86 3.94 -0.27 22.07
CA LEU D 86 5.11 0.10 21.28
C LEU D 86 6.11 -1.05 21.23
N ALA D 87 6.20 -1.80 22.34
CA ALA D 87 7.12 -2.90 22.40
C ALA D 87 6.63 -4.02 21.47
N ALA D 88 5.31 -4.22 21.49
CA ALA D 88 4.70 -5.30 20.73
C ALA D 88 4.87 -5.03 19.24
N MET D 89 4.64 -3.78 18.83
CA MET D 89 4.68 -3.42 17.42
C MET D 89 6.10 -3.46 16.89
N THR D 90 7.11 -3.29 17.75
CA THR D 90 8.51 -3.31 17.32
C THR D 90 9.15 -4.68 17.47
N GLY D 91 8.49 -5.65 18.12
CA GLY D 91 9.00 -7.00 18.23
C GLY D 91 10.03 -7.17 19.36
N HIS D 92 9.93 -6.37 20.43
CA HIS D 92 10.88 -6.51 21.54
C HIS D 92 10.28 -7.41 22.60
N LEU D 93 10.51 -8.72 22.43
CA LEU D 93 9.92 -9.76 23.24
C LEU D 93 10.24 -9.55 24.72
N GLU D 94 11.51 -9.36 25.06
CA GLU D 94 11.91 -9.26 26.46
C GLU D 94 11.24 -8.06 27.14
N ILE D 95 11.09 -6.97 26.39
CA ILE D 95 10.44 -5.77 26.93
C ILE D 95 8.96 -6.05 27.12
N VAL D 96 8.34 -6.75 26.16
CA VAL D 96 6.95 -7.15 26.35
C VAL D 96 6.80 -7.93 27.65
N GLU D 97 7.66 -8.93 27.85
CA GLU D 97 7.60 -9.81 29.02
CA GLU D 97 7.60 -9.81 29.02
C GLU D 97 7.67 -8.99 30.31
N VAL D 98 8.65 -8.08 30.40
CA VAL D 98 8.86 -7.36 31.64
C VAL D 98 7.68 -6.41 31.90
N LEU D 99 7.10 -5.83 30.84
CA LEU D 99 5.97 -4.93 31.01
C LEU D 99 4.77 -5.70 31.57
N LEU D 100 4.51 -6.88 31.00
CA LEU D 100 3.47 -7.75 31.51
C LEU D 100 3.75 -8.10 32.97
N LYS D 101 5.00 -8.43 33.30
CA LYS D 101 5.35 -8.78 34.67
C LYS D 101 5.01 -7.64 35.63
N TYR D 102 5.16 -6.37 35.22
CA TYR D 102 4.79 -5.25 36.07
C TYR D 102 3.31 -4.87 35.92
N GLY D 103 2.51 -5.76 35.32
CA GLY D 103 1.07 -5.61 35.31
C GLY D 103 0.55 -4.69 34.19
N ALA D 104 1.29 -4.60 33.07
CA ALA D 104 0.76 -3.90 31.90
C ALA D 104 -0.58 -4.52 31.50
N ASP D 105 -1.53 -3.67 31.10
CA ASP D 105 -2.84 -4.12 30.67
C ASP D 105 -2.64 -4.77 29.31
N VAL D 106 -2.85 -6.08 29.25
CA VAL D 106 -2.51 -6.83 28.05
C VAL D 106 -3.54 -6.48 26.98
N ASN D 107 -4.72 -5.98 27.41
CA ASN D 107 -5.79 -5.61 26.51
C ASN D 107 -5.99 -4.09 26.43
N ALA D 108 -4.95 -3.31 26.70
CA ALA D 108 -5.04 -1.86 26.58
C ALA D 108 -5.45 -1.50 25.14
N PHE D 109 -6.39 -0.58 25.00
CA PHE D 109 -6.82 -0.12 23.70
C PHE D 109 -6.17 1.22 23.36
N ASP D 110 -5.56 1.29 22.16
CA ASP D 110 -5.20 2.56 21.55
C ASP D 110 -6.47 3.18 20.95
N MET D 111 -6.31 4.30 20.23
CA MET D 111 -7.47 5.06 19.82
C MET D 111 -8.08 4.46 18.55
N THR D 112 -7.52 3.37 18.02
CA THR D 112 -8.20 2.61 16.98
C THR D 112 -8.93 1.42 17.60
N GLY D 113 -8.85 1.26 18.92
CA GLY D 113 -9.46 0.12 19.56
C GLY D 113 -8.56 -1.11 19.39
N SER D 114 -7.27 -0.89 19.11
CA SER D 114 -6.33 -1.96 18.94
C SER D 114 -5.56 -2.19 20.24
N THR D 115 -5.33 -3.47 20.54
CA THR D 115 -4.53 -3.91 21.66
C THR D 115 -3.13 -4.23 21.14
N PRO D 116 -2.16 -4.44 22.04
CA PRO D 116 -0.82 -4.84 21.61
C PRO D 116 -0.79 -6.09 20.73
N LEU D 117 -1.78 -6.98 20.91
CA LEU D 117 -1.86 -8.22 20.16
C LEU D 117 -2.20 -7.92 18.69
N HIS D 118 -3.22 -7.09 18.48
CA HIS D 118 -3.59 -6.63 17.15
C HIS D 118 -2.37 -6.08 16.41
N LEU D 119 -1.63 -5.20 17.11
CA LEU D 119 -0.49 -4.51 16.49
C LEU D 119 0.64 -5.50 16.24
N ALA D 120 0.90 -6.38 17.19
CA ALA D 120 1.94 -7.37 17.01
C ALA D 120 1.61 -8.27 15.82
N ALA D 121 0.35 -8.70 15.72
CA ALA D 121 -0.08 -9.60 14.67
C ALA D 121 0.07 -8.91 13.32
N ASP D 122 -0.32 -7.64 13.26
CA ASP D 122 -0.29 -6.88 12.02
C ASP D 122 1.14 -6.69 11.52
N GLU D 123 2.12 -6.64 12.44
CA GLU D 123 3.51 -6.42 12.08
C GLU D 123 4.23 -7.76 11.91
N GLY D 124 3.54 -8.89 12.15
CA GLY D 124 4.10 -10.22 11.95
C GLY D 124 5.00 -10.65 13.12
N HIS D 125 4.85 -10.05 14.31
CA HIS D 125 5.69 -10.44 15.43
C HIS D 125 4.99 -11.55 16.22
N LEU D 126 5.11 -12.77 15.73
CA LEU D 126 4.25 -13.86 16.17
C LEU D 126 4.66 -14.40 17.54
N GLU D 127 5.95 -14.40 17.86
CA GLU D 127 6.44 -14.73 19.18
CA GLU D 127 6.40 -14.77 19.19
C GLU D 127 5.79 -13.81 20.22
N ILE D 128 5.67 -12.52 19.88
CA ILE D 128 5.01 -11.56 20.76
C ILE D 128 3.54 -11.98 20.92
N VAL D 129 2.89 -12.28 19.80
CA VAL D 129 1.50 -12.68 19.85
C VAL D 129 1.33 -13.82 20.86
N GLU D 130 2.21 -14.83 20.81
CA GLU D 130 2.05 -16.01 21.65
CA GLU D 130 2.08 -16.02 21.65
C GLU D 130 2.21 -15.64 23.12
N VAL D 131 3.16 -14.75 23.44
CA VAL D 131 3.40 -14.31 24.80
C VAL D 131 2.19 -13.53 25.32
N LEU D 132 1.67 -12.60 24.51
CA LEU D 132 0.50 -11.84 24.89
C LEU D 132 -0.65 -12.79 25.19
N LEU D 133 -0.83 -13.83 24.37
CA LEU D 133 -1.87 -14.82 24.59
C LEU D 133 -1.64 -15.56 25.90
N LYS D 134 -0.37 -15.90 26.17
CA LYS D 134 -0.01 -16.57 27.41
C LYS D 134 -0.43 -15.75 28.64
N TYR D 135 -0.37 -14.42 28.54
CA TYR D 135 -0.63 -13.52 29.66
C TYR D 135 -2.05 -12.92 29.58
N GLY D 136 -2.95 -13.54 28.80
CA GLY D 136 -4.37 -13.31 28.95
C GLY D 136 -4.95 -12.43 27.84
N ALA D 137 -4.18 -12.15 26.78
CA ALA D 137 -4.68 -11.33 25.69
C ALA D 137 -5.97 -11.95 25.17
N ASP D 138 -6.98 -11.11 24.98
CA ASP D 138 -8.26 -11.56 24.46
C ASP D 138 -8.32 -11.20 22.98
N VAL D 139 -8.46 -12.21 22.12
CA VAL D 139 -8.53 -12.01 20.68
C VAL D 139 -9.79 -11.23 20.30
N ASN D 140 -10.85 -11.35 21.09
CA ASN D 140 -12.10 -10.65 20.81
C ASN D 140 -12.23 -9.37 21.64
N ALA D 141 -11.14 -8.81 22.16
CA ALA D 141 -11.19 -7.54 22.88
C ALA D 141 -11.73 -6.45 21.95
N GLN D 142 -12.71 -5.67 22.43
CA GLN D 142 -13.34 -4.66 21.59
C GLN D 142 -13.68 -3.41 22.39
N ASP D 143 -13.46 -2.24 21.76
CA ASP D 143 -13.65 -0.93 22.35
C ASP D 143 -15.11 -0.52 22.10
N1 R78 E . -10.03 13.24 13.63
N3 R78 E . -9.76 17.23 14.23
C4 R78 E . -10.55 14.08 12.66
C5 R78 E . -10.53 18.18 13.37
C6 R78 E . -10.95 17.64 12.11
C7 R78 E . -8.52 13.03 16.87
C8 R78 E . -8.97 17.68 15.40
C10 R78 E . -12.73 17.58 14.41
C13 R78 E . -7.94 19.33 16.77
C15 R78 E . -9.80 17.73 16.71
C17 R78 E . -7.92 11.96 19.01
C20 R78 E . -8.14 14.26 17.43
C21 R78 E . -7.08 13.27 20.93
C22 R78 E . -6.29 15.00 22.70
C24 R78 E . -6.76 16.18 24.80
C28 R78 E . -4.56 15.22 24.38
O2 R78 E . -6.81 12.24 21.56
N6 R78 E . -6.85 14.52 21.39
C29 R78 E . -5.10 14.25 23.33
N7 R78 E . -5.61 15.50 25.41
C30 R78 E . -5.10 16.24 26.59
C23 R78 E . -7.37 15.29 23.72
C18 R78 E . -7.58 13.20 19.58
C16 R78 E . -8.40 11.89 17.69
O3 R78 E . -8.74 10.72 17.09
C31 R78 E . -8.94 9.54 17.86
C19 R78 E . -7.68 14.33 18.74
N5 R78 E . -8.98 12.81 15.63
C1 R78 E . -9.45 13.71 14.75
N2 R78 E . -9.39 15.04 14.88
C2 R78 E . -9.85 15.91 13.97
C14 R78 E . -8.92 18.58 17.65
C12 R78 E . -8.46 19.06 15.30
C9 R78 E . -11.74 18.68 14.09
O1 R78 E . -11.32 18.43 11.23
N4 R78 E . -10.96 16.30 11.87
C11 R78 E . -11.33 15.77 10.52
C3 R78 E . -10.47 15.45 12.80
C1 GOL F . -12.95 20.88 27.69
O1 GOL F . -12.60 22.26 27.69
C2 GOL F . -14.36 20.65 28.20
O2 GOL F . -15.26 21.52 27.52
C3 GOL F . -14.80 19.21 28.06
O3 GOL F . -16.22 19.07 28.15
C1 GOL G . -3.47 4.99 -2.32
O1 GOL G . -3.44 5.15 -0.90
C2 GOL G . -3.38 6.34 -3.03
O2 GOL G . -2.04 6.59 -3.43
C3 GOL G . -4.29 6.44 -4.24
O3 GOL G . -5.51 7.11 -3.96
N1 R78 H . 9.96 -15.55 -10.60
N3 R78 H . 9.95 -16.61 -14.50
C4 R78 H . 10.52 -14.67 -11.50
C5 R78 H . 10.81 -15.87 -15.48
C6 R78 H . 11.06 -14.53 -15.10
C7 R78 H . 8.39 -18.73 -10.11
C8 R78 H . 9.23 -17.86 -14.83
C10 R78 H . 13.00 -16.75 -14.38
C13 R78 H . 9.37 -20.25 -15.21
C15 R78 H . 8.97 -18.11 -16.33
C17 R78 H . 7.78 -20.66 -8.79
C20 R78 H . 8.00 -19.44 -11.27
C21 R78 H . 6.94 -22.73 -9.78
C22 R78 H . 6.36 -24.94 -10.77
C24 R78 H . 4.80 -26.59 -11.88
C28 R78 H . 6.82 -27.37 -10.90
O2 R78 H . 6.50 -23.12 -8.70
N6 R78 H . 6.93 -23.56 -10.86
C29 R78 H . 7.46 -26.00 -10.91
N7 R78 H . 5.90 -27.53 -12.06
C30 R78 H . 5.36 -28.92 -12.12
C23 R78 H . 5.35 -25.16 -11.88
C18 R78 H . 7.43 -21.41 -9.94
C16 R78 H . 8.26 -19.35 -8.88
O3 R78 H . 8.65 -18.55 -7.83
C31 R78 H . 8.72 -19.16 -6.53
C19 R78 H . 7.53 -20.74 -11.18
N5 R78 H . 8.85 -17.46 -9.97
C1 R78 H . 9.39 -16.70 -10.96
N2 R78 H . 9.40 -17.00 -12.27
C2 R78 H . 9.94 -16.21 -13.21
C14 R78 H . 8.48 -19.56 -16.31
C12 R78 H . 10.05 -19.10 -14.46
C9 R78 H . 12.16 -16.58 -15.65
O1 R78 H . 11.41 -13.70 -15.97
N4 R78 H . 11.02 -14.16 -13.79
C11 R78 H . 11.23 -12.72 -13.42
C3 R78 H . 10.53 -15.01 -12.85
C1 GOL I . 15.94 -16.14 -23.47
O1 GOL I . 15.03 -16.74 -22.55
C2 GOL I . 16.01 -16.88 -24.80
O2 GOL I . 14.71 -17.38 -25.16
C3 GOL I . 16.58 -16.03 -25.92
O3 GOL I . 16.53 -16.66 -27.19
C1 GOL J . 1.36 -16.04 32.55
O1 GOL J . 2.08 -17.27 32.69
C2 GOL J . 0.40 -15.83 33.68
O2 GOL J . 1.13 -15.58 34.88
C3 GOL J . -0.57 -14.69 33.44
O3 GOL J . -1.83 -15.15 32.98
#